data_9JMR
#
_entry.id   9JMR
#
loop_
_entity.id
_entity.type
_entity.pdbx_description
1 polymer 'Glycoprotein B'
2 polymer '16F9 VH'
3 polymer '16F9 VL'
#
loop_
_entity_poly.entity_id
_entity_poly.type
_entity_poly.pdbx_seq_one_letter_code
_entity_poly.pdbx_strand_id
1 'polypeptide(L)'
;MPAGGGLWRGPRGHRPGHHGGAGLGRLWPAPHHAAAARGAVALALLLLALAAAPPCGAAAVTRAASASPTPVPGSPGLTP
NDVSAEASLEEIEAFTPGPSEAPDGEYGDLDARTAVRAAATERDRFYVCPPPSGSTVVRLEPEQACPEYSQGRNFTEGIA
VLFKENIAPHKFKAHIYYKNVIVTTVWSGSTYAAITNRFTDRVPVPVQEITDVIDRRGKCVSKAEYVRNNHKVTAFDRDE
NPVEVDLRPSRLNALGTRGWHTTNDTHTKIGAAGFYHTGTSVNCIVEEVEARSVYPYDSFALSTGDIVYMSPFYGLREGA
HGEHIGYAPGRFQQVEHYYPIDLDSRLRASESVTRNFLRTPHFTVAWDWAPKTRRVCSLAKWREAEEMIRDETRDGSFRF
TSRALGASFVSDVTQLDLQRVHLGDCVLREASEAIDAIYQRRYNNTHVLAGDRPEVYLARGGFVVAFRPLISNELAQLYA
RELERLGLAGVVGPASPAAAGSASRAAGQAGTPEPPAVNGTGHLRITTGSAEFARLQFTYDHIQAHVNDMLGRIAAAWCE
LQNKDRTLWSEMSRLNPSAVATAALGQRVSARMLGDVMAISRCVEVRGGVYVQNSMRVPGERGTCYSRPLVTFEHNGTGV
IEGQLGDDNELLISRDLIEPCTGNHRRYFKLGSGYVYYEDYSYVRMVEVPETISTRVTLNLTLLEDREFLPLEVYTREEL
ADTGLLDYSEIQRRNQLHALKFYDIDRVVKVDHHHHHH
;
A
2 'polypeptide(L)'
;MGRLTSSFLLLIVPAYVLSEVQLQQSGPELVKPGASVKISCKASGYTFADYTMHWVKQSHGKSLEWIGYINPYSLFIDSN
QKFKNKATLTVDNSSYTAYMELRSLTSEDSAVYYCARFPPYYGFDSHFDYWGQGTALTVSSAKTTPPSVYPLAPGCGDTT
GSSVTLGCLVKGYFPESVTVTWNSGSLSSSVHTFPALLQSGLYTMSSSVTVPSSTWPSQTVTCSVAHPASSTTVDKKLEP
SGPISTINPCPPCKECHKCPAPNLEGGPSVFIFPPNIKDVLMISLTPKVTCVVVDVSEDDPDVRISWFVNNVEVHTAQTQ
THREDYNSTIRVVSALPIQHQDWMSGKEFKCKVNNKDLPSPIERTISKIKGLVRAPQVYILPPPAEQLSRKDVSLTCLVV
GFNPGDISVEWTSNGHTEENYKDTAPVLDSDGSYFIYSKLDIKTSKWEKTDSFSCNVRHEGLKNYYLKKTISRSPGK
;
H
3 'polypeptide(L)'
;MGWSCIILFLVATATGVHSQIVLSQSPAILSASPGEKVTMTCRASSSVSYIYWYQQKPESSPKPWIYATSNLASGVPGRF
SGSGSGTSYSLTISRVEAEDAATYYCQQWSYNPYTFGGGTKLEIRRADAAPTVSIFPPSSEQLTSGGASVVCFLNNFYPK
DINVKWKIDGSERQNGVLNSWTDQDSKDSTYSMSSTLTLTKDEYERHNSYTCEATHKTSTSPIVKSFNRNEC
;
L
#
# COMPACT_ATOMS: atom_id res chain seq x y z
N TYR A 127 60.20 -62.67 12.91
CA TYR A 127 59.09 -63.57 13.16
C TYR A 127 59.26 -64.87 12.40
N VAL A 128 58.71 -65.95 12.93
CA VAL A 128 58.80 -67.28 12.33
C VAL A 128 57.47 -67.58 11.66
N CYS A 129 57.54 -68.27 10.52
CA CYS A 129 56.36 -68.50 9.69
C CYS A 129 56.04 -69.98 9.61
N PRO A 130 54.91 -70.43 10.11
CA PRO A 130 54.54 -71.84 9.96
C PRO A 130 54.04 -72.12 8.56
N PRO A 131 54.05 -73.38 8.13
CA PRO A 131 53.63 -73.69 6.77
C PRO A 131 52.11 -73.70 6.65
N PRO A 132 51.57 -73.07 5.62
CA PRO A 132 50.12 -73.04 5.46
C PRO A 132 49.57 -74.36 4.95
N SER A 133 48.42 -74.75 5.50
CA SER A 133 47.68 -75.92 5.07
C SER A 133 46.41 -75.48 4.36
N GLY A 134 45.57 -76.46 4.02
CA GLY A 134 44.30 -76.16 3.38
C GLY A 134 43.18 -76.02 4.38
N SER A 135 43.44 -75.36 5.51
CA SER A 135 42.45 -75.24 6.56
C SER A 135 41.48 -74.10 6.27
N THR A 136 42.00 -72.87 6.17
CA THR A 136 41.17 -71.69 5.98
C THR A 136 41.62 -70.97 4.71
N VAL A 137 40.69 -70.79 3.77
CA VAL A 137 40.97 -70.12 2.51
C VAL A 137 40.16 -68.83 2.44
N VAL A 138 40.65 -67.91 1.60
CA VAL A 138 39.99 -66.64 1.34
C VAL A 138 40.44 -66.13 -0.02
N ARG A 139 39.59 -65.36 -0.67
CA ARG A 139 39.88 -64.71 -1.94
C ARG A 139 40.14 -63.22 -1.67
N LEU A 140 40.34 -62.47 -2.76
CA LEU A 140 40.31 -61.02 -2.70
C LEU A 140 38.90 -60.53 -2.99
N GLU A 141 38.56 -59.40 -2.40
CA GLU A 141 37.26 -58.80 -2.68
C GLU A 141 37.28 -58.24 -4.10
N PRO A 142 36.24 -58.46 -4.90
CA PRO A 142 36.24 -57.94 -6.26
C PRO A 142 35.96 -56.46 -6.33
N GLU A 143 35.85 -55.93 -7.54
CA GLU A 143 35.51 -54.53 -7.71
C GLU A 143 34.08 -54.28 -7.25
N GLN A 144 33.83 -53.06 -6.77
CA GLN A 144 32.56 -52.73 -6.17
C GLN A 144 32.04 -51.44 -6.80
N ALA A 145 30.73 -51.37 -6.97
CA ALA A 145 30.12 -50.22 -7.59
C ALA A 145 29.76 -49.17 -6.53
N CYS A 146 29.48 -47.96 -7.00
CA CYS A 146 29.25 -46.82 -6.12
C CYS A 146 28.49 -45.76 -6.88
N PRO A 147 27.56 -45.03 -6.22
CA PRO A 147 26.68 -44.11 -6.94
C PRO A 147 27.37 -42.86 -7.45
N GLU A 148 26.60 -42.00 -8.12
CA GLU A 148 27.12 -40.78 -8.73
C GLU A 148 26.50 -39.56 -8.08
N TYR A 149 27.24 -38.46 -8.05
CA TYR A 149 26.76 -37.22 -7.48
C TYR A 149 25.72 -36.57 -8.39
N SER A 150 24.84 -35.78 -7.78
CA SER A 150 23.77 -35.09 -8.51
C SER A 150 24.38 -33.86 -9.17
N GLN A 151 24.66 -33.98 -10.47
CA GLN A 151 25.24 -32.90 -11.25
C GLN A 151 24.19 -32.03 -11.93
N GLY A 152 22.91 -32.24 -11.60
CA GLY A 152 21.85 -31.45 -12.20
C GLY A 152 20.70 -31.19 -11.25
N ARG A 153 20.34 -29.93 -11.08
CA ARG A 153 19.24 -29.53 -10.22
C ARG A 153 18.12 -28.92 -11.06
N ASN A 154 16.91 -28.97 -10.52
CA ASN A 154 15.74 -28.47 -11.24
C ASN A 154 15.56 -26.98 -10.92
N PHE A 155 16.24 -26.15 -11.69
CA PHE A 155 16.18 -24.71 -11.51
C PHE A 155 15.41 -24.09 -12.67
N THR A 156 14.91 -22.89 -12.45
CA THR A 156 14.09 -22.18 -13.42
C THR A 156 14.47 -20.72 -13.40
N GLU A 157 15.17 -20.27 -14.44
CA GLU A 157 15.59 -18.88 -14.52
C GLU A 157 14.39 -17.99 -14.82
N GLY A 158 14.34 -16.85 -14.17
CA GLY A 158 13.22 -15.94 -14.30
C GLY A 158 13.57 -14.51 -14.05
N ILE A 159 12.54 -13.71 -13.78
CA ILE A 159 12.66 -12.27 -13.57
C ILE A 159 11.62 -11.85 -12.55
N ALA A 160 12.07 -11.28 -11.43
CA ALA A 160 11.23 -11.13 -10.26
C ALA A 160 11.40 -9.77 -9.61
N VAL A 161 10.34 -9.31 -8.97
CA VAL A 161 10.37 -8.13 -8.11
C VAL A 161 9.83 -8.52 -6.74
N LEU A 162 10.28 -7.80 -5.72
CA LEU A 162 10.00 -8.14 -4.34
C LEU A 162 9.25 -7.01 -3.65
N PHE A 163 8.32 -7.40 -2.78
CA PHE A 163 7.43 -6.46 -2.13
C PHE A 163 7.48 -6.68 -0.63
N LYS A 164 7.46 -5.58 0.11
CA LYS A 164 7.47 -5.60 1.56
C LYS A 164 6.23 -4.86 2.08
N GLU A 165 6.03 -4.94 3.39
CA GLU A 165 4.94 -4.22 4.03
C GLU A 165 5.15 -2.71 3.91
N ASN A 166 4.12 -2.01 3.47
CA ASN A 166 4.17 -0.56 3.43
C ASN A 166 4.06 -0.01 4.84
N ILE A 167 5.13 0.60 5.32
CA ILE A 167 5.16 1.15 6.68
C ILE A 167 5.07 2.66 6.67
N ALA A 168 5.19 3.30 5.51
CA ALA A 168 5.16 4.72 5.19
C ALA A 168 3.72 5.22 5.13
N PRO A 169 3.43 6.41 5.64
CA PRO A 169 2.07 6.91 5.64
C PRO A 169 1.70 7.51 4.29
N HIS A 170 0.41 7.78 4.13
CA HIS A 170 -0.08 8.42 2.93
C HIS A 170 0.06 9.92 3.04
N LYS A 171 0.82 10.51 2.14
CA LYS A 171 1.20 11.91 2.21
C LYS A 171 0.58 12.67 1.05
N PHE A 172 -0.07 13.79 1.35
CA PHE A 172 -0.71 14.61 0.34
C PHE A 172 -0.68 16.07 0.78
N LYS A 173 -0.95 16.96 -0.17
CA LYS A 173 -0.93 18.38 0.08
C LYS A 173 -2.33 18.90 0.38
N ALA A 174 -2.38 20.00 1.13
CA ALA A 174 -3.64 20.57 1.60
C ALA A 174 -3.41 22.04 1.94
N HIS A 175 -4.51 22.79 2.00
CA HIS A 175 -4.49 24.17 2.45
C HIS A 175 -5.32 24.31 3.71
N ILE A 176 -4.94 25.25 4.56
CA ILE A 176 -5.68 25.56 5.77
C ILE A 176 -6.08 27.02 5.71
N TYR A 177 -7.29 27.32 6.18
CA TYR A 177 -7.87 28.65 6.11
C TYR A 177 -8.43 28.96 7.50
N TYR A 178 -7.84 29.93 8.18
CA TYR A 178 -8.36 30.32 9.48
C TYR A 178 -8.14 31.80 9.70
N LYS A 179 -8.89 32.35 10.63
CA LYS A 179 -8.73 33.72 11.08
C LYS A 179 -8.21 33.72 12.51
N ASN A 180 -7.05 34.29 12.71
CA ASN A 180 -6.41 34.33 14.02
C ASN A 180 -6.94 35.55 14.76
N VAL A 181 -7.75 35.31 15.78
CA VAL A 181 -8.37 36.37 16.56
C VAL A 181 -7.65 36.46 17.89
N ILE A 182 -7.04 37.60 18.19
CA ILE A 182 -6.52 37.86 19.52
C ILE A 182 -7.30 39.02 20.12
N VAL A 183 -7.58 38.92 21.42
CA VAL A 183 -8.30 39.93 22.17
C VAL A 183 -7.46 40.28 23.39
N THR A 184 -6.95 41.50 23.43
CA THR A 184 -6.02 41.93 24.46
C THR A 184 -6.66 43.01 25.32
N THR A 185 -6.45 42.90 26.64
CA THR A 185 -7.02 43.82 27.62
C THR A 185 -5.88 44.46 28.41
N VAL A 186 -5.91 45.78 28.53
CA VAL A 186 -4.80 46.57 29.06
C VAL A 186 -5.32 47.43 30.21
N TRP A 187 -4.69 47.29 31.37
CA TRP A 187 -4.76 48.32 32.40
C TRP A 187 -3.83 49.45 32.01
N SER A 188 -4.38 50.65 31.88
CA SER A 188 -3.62 51.84 31.49
C SER A 188 -3.43 52.71 32.72
N GLY A 189 -2.19 52.80 33.20
CA GLY A 189 -1.88 53.62 34.35
C GLY A 189 -1.41 55.01 33.97
N SER A 190 -0.92 55.74 34.97
CA SER A 190 -0.43 57.08 34.72
C SER A 190 0.94 57.07 34.05
N THR A 191 1.80 56.14 34.48
CA THR A 191 3.15 56.05 33.93
C THR A 191 3.37 54.85 33.02
N TYR A 192 2.46 53.89 33.00
CA TYR A 192 2.70 52.62 32.34
C TYR A 192 1.40 52.02 31.82
N ALA A 193 1.54 50.93 31.09
CA ALA A 193 0.44 50.10 30.66
C ALA A 193 0.78 48.65 30.98
N ALA A 194 -0.23 47.84 31.27
CA ALA A 194 -0.03 46.47 31.72
C ALA A 194 -1.03 45.56 31.05
N ILE A 195 -0.53 44.46 30.47
CA ILE A 195 -1.41 43.49 29.82
C ILE A 195 -2.13 42.69 30.88
N THR A 196 -3.44 42.83 30.94
CA THR A 196 -4.27 42.05 31.86
C THR A 196 -4.66 40.71 31.28
N ASN A 197 -5.12 40.67 30.04
CA ASN A 197 -5.50 39.43 29.39
C ASN A 197 -5.03 39.47 27.95
N ARG A 198 -4.79 38.29 27.40
CA ARG A 198 -4.30 38.13 26.03
C ARG A 198 -4.91 36.82 25.53
N PHE A 199 -6.06 36.91 24.86
CA PHE A 199 -6.83 35.73 24.49
C PHE A 199 -6.77 35.50 22.99
N THR A 200 -6.13 34.40 22.59
CA THR A 200 -5.96 34.02 21.20
C THR A 200 -6.88 32.85 20.86
N ASP A 201 -7.71 33.04 19.83
CA ASP A 201 -8.55 31.98 19.30
C ASP A 201 -8.41 31.95 17.79
N ARG A 202 -8.35 30.73 17.24
CA ARG A 202 -8.38 30.54 15.80
C ARG A 202 -9.78 30.11 15.36
N VAL A 203 -10.20 30.63 14.21
CA VAL A 203 -11.60 30.68 13.80
C VAL A 203 -11.68 30.29 12.32
N PRO A 204 -12.61 29.43 11.90
CA PRO A 204 -12.63 28.99 10.51
C PRO A 204 -13.13 30.04 9.55
N VAL A 205 -12.56 30.04 8.35
CA VAL A 205 -13.00 30.88 7.25
C VAL A 205 -14.06 30.10 6.48
N PRO A 206 -15.27 30.64 6.29
CA PRO A 206 -16.33 29.87 5.64
C PRO A 206 -16.00 29.52 4.19
N VAL A 207 -16.62 28.44 3.73
CA VAL A 207 -16.31 27.88 2.41
C VAL A 207 -16.75 28.83 1.31
N GLN A 208 -17.82 29.59 1.55
CA GLN A 208 -18.24 30.62 0.60
C GLN A 208 -17.20 31.72 0.46
N GLU A 209 -16.50 32.06 1.54
CA GLU A 209 -15.45 33.07 1.46
C GLU A 209 -14.16 32.51 0.87
N ILE A 210 -13.99 31.19 0.85
CA ILE A 210 -12.80 30.66 0.18
C ILE A 210 -12.95 30.74 -1.33
N THR A 211 -14.16 30.47 -1.83
CA THR A 211 -14.38 30.33 -3.26
C THR A 211 -14.96 31.58 -3.92
N ASP A 212 -15.19 32.67 -3.18
CA ASP A 212 -15.78 33.86 -3.76
C ASP A 212 -15.02 35.15 -3.49
N VAL A 213 -14.17 35.22 -2.47
CA VAL A 213 -13.32 36.38 -2.26
C VAL A 213 -11.84 36.01 -2.24
N ILE A 214 -11.48 34.87 -1.66
CA ILE A 214 -10.08 34.48 -1.62
C ILE A 214 -9.63 33.96 -2.98
N ASP A 215 -10.44 33.13 -3.63
CA ASP A 215 -10.06 32.63 -4.95
C ASP A 215 -10.30 33.66 -6.04
N ARG A 216 -11.40 34.41 -5.97
CA ARG A 216 -11.72 35.34 -7.04
C ARG A 216 -10.84 36.59 -6.98
N ARG A 217 -10.63 37.14 -5.79
CA ARG A 217 -9.97 38.43 -5.65
C ARG A 217 -8.69 38.40 -4.85
N GLY A 218 -8.38 37.32 -4.15
CA GLY A 218 -7.23 37.29 -3.29
C GLY A 218 -7.38 38.15 -2.05
N LYS A 219 -8.60 38.36 -1.59
CA LYS A 219 -8.88 39.23 -0.46
C LYS A 219 -9.64 38.44 0.58
N CYS A 220 -9.71 38.98 1.79
CA CYS A 220 -10.37 38.34 2.91
C CYS A 220 -10.99 39.41 3.78
N VAL A 221 -12.23 39.18 4.21
CA VAL A 221 -12.94 40.15 5.01
C VAL A 221 -12.32 40.24 6.41
N SER A 222 -12.38 41.43 6.99
CA SER A 222 -11.80 41.71 8.31
C SER A 222 -12.77 41.43 9.44
N LYS A 223 -13.73 40.55 9.21
CA LYS A 223 -14.78 40.19 10.15
C LYS A 223 -14.80 38.68 10.26
N ALA A 224 -14.93 38.17 11.48
CA ALA A 224 -15.02 36.74 11.71
C ALA A 224 -16.34 36.42 12.37
N GLU A 225 -17.18 35.64 11.69
CA GLU A 225 -18.40 35.09 12.28
C GLU A 225 -18.22 33.61 12.48
N TYR A 226 -18.54 33.14 13.69
CA TYR A 226 -18.25 31.77 14.08
C TYR A 226 -19.12 31.40 15.26
N VAL A 227 -19.20 30.10 15.53
CA VAL A 227 -19.99 29.55 16.61
C VAL A 227 -19.05 29.09 17.72
N ARG A 228 -19.39 29.43 18.96
CA ARG A 228 -18.54 29.14 20.11
C ARG A 228 -19.41 29.14 21.35
N ASN A 229 -19.35 28.05 22.12
CA ASN A 229 -20.24 27.76 23.24
C ASN A 229 -21.72 27.77 22.82
N ASN A 230 -21.97 27.23 21.63
CA ASN A 230 -23.29 27.13 20.99
C ASN A 230 -23.96 28.48 20.76
N HIS A 231 -23.18 29.55 20.63
CA HIS A 231 -23.70 30.87 20.35
C HIS A 231 -22.97 31.44 19.14
N LYS A 232 -23.70 32.14 18.29
CA LYS A 232 -23.09 32.82 17.17
C LYS A 232 -22.44 34.12 17.65
N VAL A 233 -21.12 34.19 17.53
CA VAL A 233 -20.34 35.31 18.01
C VAL A 233 -19.55 35.91 16.84
N THR A 234 -19.07 37.14 17.05
CA THR A 234 -18.50 37.94 15.98
C THR A 234 -17.30 38.72 16.52
N ALA A 235 -16.24 38.80 15.72
CA ALA A 235 -15.06 39.60 16.03
C ALA A 235 -14.75 40.52 14.87
N PHE A 236 -14.49 41.79 15.19
CA PHE A 236 -14.15 42.80 14.21
C PHE A 236 -12.69 43.21 14.36
N ASP A 237 -11.99 43.36 13.25
CA ASP A 237 -10.61 43.82 13.29
C ASP A 237 -10.58 45.31 13.63
N ARG A 238 -9.77 45.66 14.62
CA ARG A 238 -9.55 47.01 15.13
C ARG A 238 -10.82 47.65 15.69
N ASP A 239 -11.82 46.82 16.00
CA ASP A 239 -13.15 47.24 16.45
C ASP A 239 -13.79 48.23 15.48
N GLU A 240 -13.73 47.91 14.20
CA GLU A 240 -14.16 48.79 13.13
C GLU A 240 -15.09 48.04 12.17
N ASN A 241 -15.57 48.78 11.17
CA ASN A 241 -16.45 48.22 10.17
C ASN A 241 -15.68 47.24 9.28
N PRO A 242 -16.33 46.20 8.77
CA PRO A 242 -15.62 45.19 7.97
C PRO A 242 -15.20 45.72 6.61
N VAL A 243 -14.06 45.18 6.13
CA VAL A 243 -13.50 45.56 4.85
C VAL A 243 -12.71 44.37 4.32
N GLU A 244 -12.58 44.28 3.00
CA GLU A 244 -11.80 43.22 2.37
C GLU A 244 -10.36 43.66 2.25
N VAL A 245 -9.45 42.84 2.76
CA VAL A 245 -8.03 43.16 2.86
C VAL A 245 -7.26 42.14 2.04
N ASP A 246 -6.28 42.63 1.28
CA ASP A 246 -5.53 41.77 0.37
C ASP A 246 -4.62 40.82 1.14
N LEU A 247 -4.65 39.56 0.75
CA LEU A 247 -3.75 38.56 1.32
C LEU A 247 -2.34 38.78 0.79
N ARG A 248 -1.46 39.25 1.64
CA ARG A 248 -0.07 39.43 1.27
C ARG A 248 0.76 38.26 1.76
N PRO A 249 1.84 37.90 1.08
CA PRO A 249 2.69 36.79 1.53
C PRO A 249 3.45 37.14 2.79
N SER A 250 3.80 36.09 3.54
CA SER A 250 4.63 36.27 4.72
C SER A 250 6.07 36.53 4.29
N ARG A 251 6.83 37.15 5.20
CA ARG A 251 8.24 37.44 4.92
C ARG A 251 9.07 36.18 4.94
N LEU A 252 8.68 35.20 5.76
CA LEU A 252 9.44 33.97 5.98
C LEU A 252 9.00 32.87 5.03
N ASN A 253 8.36 33.21 3.93
CA ASN A 253 7.78 32.21 3.03
C ASN A 253 8.87 31.59 2.17
N ALA A 254 9.08 30.29 2.36
CA ALA A 254 9.94 29.47 1.51
C ALA A 254 9.07 28.48 0.74
N LEU A 255 9.68 27.82 -0.23
CA LEU A 255 8.93 26.97 -1.15
C LEU A 255 8.46 25.68 -0.46
N GLY A 256 7.14 25.45 -0.50
CA GLY A 256 6.53 24.34 0.17
C GLY A 256 5.96 24.67 1.54
N THR A 257 6.28 25.83 2.09
CA THR A 257 5.83 26.25 3.41
C THR A 257 5.31 27.68 3.34
N ARG A 258 4.43 27.93 2.38
CA ARG A 258 3.99 29.27 2.04
C ARG A 258 2.76 29.67 2.83
N GLY A 259 2.79 30.87 3.41
CA GLY A 259 1.66 31.40 4.13
C GLY A 259 1.27 32.77 3.60
N TRP A 260 0.02 33.13 3.84
CA TRP A 260 -0.51 34.43 3.48
C TRP A 260 -1.30 34.99 4.65
N HIS A 261 -1.23 36.30 4.85
CA HIS A 261 -1.96 36.93 5.94
C HIS A 261 -2.34 38.35 5.55
N THR A 262 -3.37 38.87 6.23
CA THR A 262 -3.92 40.19 5.93
C THR A 262 -3.30 41.32 6.74
N THR A 263 -3.05 41.11 8.03
CA THR A 263 -2.47 42.17 8.84
C THR A 263 -1.14 41.70 9.43
N ASN A 264 -0.33 42.69 9.79
CA ASN A 264 0.95 42.44 10.43
C ASN A 264 0.95 43.01 11.84
N ASP A 265 -0.17 43.57 12.29
CA ASP A 265 -0.28 44.26 13.55
C ASP A 265 -1.23 43.53 14.48
N THR A 266 -1.06 43.70 15.79
CA THR A 266 -2.02 43.16 16.79
C THR A 266 -2.66 44.37 17.49
N HIS A 267 -3.90 44.71 17.16
CA HIS A 267 -4.53 45.95 17.68
C HIS A 267 -4.69 45.92 19.18
N THR A 268 -4.20 46.98 19.81
CA THR A 268 -4.29 47.08 21.28
C THR A 268 -4.77 48.49 21.59
N LYS A 269 -5.82 48.61 22.40
CA LYS A 269 -6.35 49.91 22.85
C LYS A 269 -5.67 50.26 24.17
N ILE A 270 -4.79 51.25 24.19
CA ILE A 270 -4.09 51.69 25.41
C ILE A 270 -4.58 53.12 25.62
N GLY A 271 -5.67 53.30 26.35
CA GLY A 271 -6.30 54.63 26.40
C GLY A 271 -6.09 55.47 27.62
N ALA A 272 -7.19 55.84 28.28
CA ALA A 272 -7.02 56.81 29.35
C ALA A 272 -6.52 56.13 30.63
N ALA A 273 -5.94 56.93 31.50
CA ALA A 273 -5.34 56.42 32.72
C ALA A 273 -6.43 56.06 33.72
N GLY A 274 -6.26 54.92 34.38
CA GLY A 274 -7.17 54.49 35.41
C GLY A 274 -8.30 53.58 34.98
N PHE A 275 -8.23 53.01 33.79
CA PHE A 275 -9.30 52.16 33.27
C PHE A 275 -8.69 50.98 32.53
N TYR A 276 -9.54 49.98 32.26
CA TYR A 276 -9.18 48.87 31.40
C TYR A 276 -9.67 49.14 29.99
N HIS A 277 -8.92 48.66 29.01
CA HIS A 277 -9.24 48.89 27.60
C HIS A 277 -8.99 47.61 26.82
N THR A 278 -9.93 47.26 25.94
CA THR A 278 -9.91 45.99 25.22
C THR A 278 -9.94 46.26 23.72
N GLY A 279 -9.03 45.60 22.99
CA GLY A 279 -8.97 45.73 21.55
C GLY A 279 -8.85 44.37 20.88
N THR A 280 -9.30 44.32 19.63
CA THR A 280 -9.49 43.06 18.93
C THR A 280 -8.76 43.09 17.61
N SER A 281 -7.94 42.08 17.35
CA SER A 281 -7.27 41.88 16.07
C SER A 281 -7.80 40.62 15.40
N VAL A 282 -8.08 40.72 14.11
CA VAL A 282 -8.51 39.58 13.31
C VAL A 282 -7.56 39.45 12.13
N ASN A 283 -6.81 38.36 12.10
CA ASN A 283 -5.77 38.14 11.09
C ASN A 283 -6.15 36.92 10.27
N CYS A 284 -6.52 37.16 9.01
CA CYS A 284 -6.96 36.09 8.12
C CYS A 284 -5.74 35.41 7.52
N ILE A 285 -5.54 34.14 7.86
CA ILE A 285 -4.32 33.41 7.51
C ILE A 285 -4.67 32.27 6.56
N VAL A 286 -3.97 32.20 5.44
CA VAL A 286 -4.01 31.07 4.52
C VAL A 286 -2.62 30.45 4.49
N GLU A 287 -2.53 29.15 4.74
CA GLU A 287 -1.24 28.49 4.85
C GLU A 287 -1.29 27.16 4.10
N GLU A 288 -0.23 26.88 3.36
CA GLU A 288 -0.08 25.66 2.59
C GLU A 288 0.60 24.62 3.47
N VAL A 289 -0.10 23.52 3.74
CA VAL A 289 0.37 22.53 4.69
C VAL A 289 0.53 21.18 4.00
N GLU A 290 1.27 20.29 4.65
CA GLU A 290 1.38 18.90 4.26
C GLU A 290 0.54 18.06 5.20
N ALA A 291 -0.13 17.05 4.66
CA ALA A 291 -0.99 16.18 5.44
C ALA A 291 -0.54 14.73 5.34
N ARG A 292 -0.67 14.00 6.45
CA ARG A 292 -0.19 12.64 6.57
C ARG A 292 -1.31 11.76 7.08
N SER A 293 -1.41 10.54 6.56
CA SER A 293 -2.45 9.61 6.97
C SER A 293 -1.87 8.22 7.08
N VAL A 294 -2.13 7.56 8.18
CA VAL A 294 -1.59 6.24 8.48
C VAL A 294 -2.74 5.24 8.47
N TYR A 295 -2.42 3.97 8.26
CA TYR A 295 -3.41 2.90 8.12
C TYR A 295 -4.23 2.77 9.41
N PRO A 296 -5.55 2.49 9.32
CA PRO A 296 -6.45 2.20 8.20
C PRO A 296 -7.07 3.42 7.53
N TYR A 297 -6.40 4.58 7.64
CA TYR A 297 -6.73 5.80 6.90
C TYR A 297 -8.11 6.32 7.26
N ASP A 298 -8.39 6.36 8.56
CA ASP A 298 -9.62 6.92 9.09
C ASP A 298 -9.44 8.34 9.60
N SER A 299 -8.21 8.85 9.64
CA SER A 299 -7.94 10.20 10.05
C SER A 299 -6.68 10.66 9.34
N PHE A 300 -6.47 11.98 9.33
CA PHE A 300 -5.20 12.50 8.88
C PHE A 300 -4.80 13.70 9.73
N ALA A 301 -3.51 14.00 9.71
CA ALA A 301 -2.94 15.06 10.53
C ALA A 301 -2.21 16.06 9.64
N LEU A 302 -2.33 17.33 9.98
CA LEU A 302 -1.71 18.41 9.25
C LEU A 302 -0.36 18.75 9.87
N SER A 303 0.44 19.50 9.11
CA SER A 303 1.76 19.91 9.57
C SER A 303 1.72 20.98 10.65
N THR A 304 0.57 21.60 10.87
CA THR A 304 0.38 22.51 11.99
C THR A 304 0.31 21.77 13.32
N GLY A 305 -0.04 20.49 13.28
CA GLY A 305 -0.27 19.71 14.47
C GLY A 305 -1.71 19.32 14.67
N ASP A 306 -2.57 19.65 13.71
CA ASP A 306 -4.00 19.46 13.86
C ASP A 306 -4.41 18.11 13.28
N ILE A 307 -5.23 17.38 14.03
CA ILE A 307 -5.72 16.08 13.60
C ILE A 307 -7.15 16.24 13.09
N VAL A 308 -7.41 15.73 11.89
CA VAL A 308 -8.73 15.78 11.28
C VAL A 308 -9.32 14.38 11.34
N TYR A 309 -10.48 14.26 11.99
CA TYR A 309 -11.06 12.95 12.30
C TYR A 309 -12.01 12.51 11.19
N MET A 310 -11.40 12.23 10.04
CA MET A 310 -12.10 11.97 8.79
C MET A 310 -11.12 11.30 7.85
N SER A 311 -11.59 10.31 7.10
CA SER A 311 -10.77 9.72 6.05
C SER A 311 -10.47 10.76 4.98
N PRO A 312 -9.24 10.80 4.45
CA PRO A 312 -8.95 11.69 3.32
C PRO A 312 -9.54 11.22 2.01
N PHE A 313 -10.14 10.04 1.99
CA PHE A 313 -10.75 9.48 0.79
C PHE A 313 -12.26 9.54 0.85
N TYR A 314 -12.82 10.29 1.79
CA TYR A 314 -14.25 10.43 1.93
C TYR A 314 -14.80 11.36 0.86
N GLY A 315 -15.97 11.02 0.34
CA GLY A 315 -16.67 11.89 -0.58
C GLY A 315 -18.15 11.59 -0.51
N LEU A 316 -18.94 12.58 -0.89
CA LEU A 316 -20.39 12.42 -0.97
C LEU A 316 -20.83 11.96 -2.34
N ARG A 317 -19.94 11.35 -3.11
CA ARG A 317 -20.17 11.15 -4.52
C ARG A 317 -19.22 10.07 -5.00
N GLU A 318 -19.68 9.30 -6.00
CA GLU A 318 -18.95 8.19 -6.62
C GLU A 318 -18.65 7.06 -5.63
N GLY A 319 -19.51 6.92 -4.62
CA GLY A 319 -19.43 5.79 -3.72
C GLY A 319 -18.32 5.86 -2.70
N ALA A 320 -17.82 7.06 -2.40
CA ALA A 320 -16.78 7.24 -1.41
C ALA A 320 -17.34 7.57 -0.02
N HIS A 321 -18.63 7.33 0.19
CA HIS A 321 -19.28 7.68 1.44
C HIS A 321 -19.21 6.59 2.49
N GLY A 322 -18.64 5.44 2.17
CA GLY A 322 -18.47 4.41 3.17
C GLY A 322 -17.25 4.57 4.04
N GLU A 323 -16.45 5.59 3.78
CA GLU A 323 -15.27 5.88 4.57
C GLU A 323 -15.68 6.57 5.86
N HIS A 324 -14.75 6.73 6.78
CA HIS A 324 -15.06 7.25 8.10
C HIS A 324 -15.12 8.77 8.08
N ILE A 325 -16.29 9.31 8.43
CA ILE A 325 -16.48 10.71 8.74
C ILE A 325 -16.81 10.82 10.22
N GLY A 326 -16.10 11.70 10.92
CA GLY A 326 -16.30 11.82 12.35
C GLY A 326 -16.87 13.16 12.72
N TYR A 327 -17.48 13.82 11.74
CA TYR A 327 -18.02 15.16 11.91
C TYR A 327 -19.49 15.17 11.50
N ALA A 328 -20.13 16.31 11.73
CA ALA A 328 -21.50 16.51 11.31
C ALA A 328 -21.58 16.62 9.80
N PRO A 329 -22.74 16.32 9.20
CA PRO A 329 -22.85 16.44 7.74
C PRO A 329 -22.77 17.88 7.23
N GLY A 330 -23.12 18.86 8.05
CA GLY A 330 -23.02 20.24 7.62
C GLY A 330 -21.60 20.76 7.55
N ARG A 331 -20.67 20.04 8.17
CA ARG A 331 -19.27 20.46 8.17
C ARG A 331 -18.63 20.24 6.81
N PHE A 332 -18.97 19.15 6.13
CA PHE A 332 -18.28 18.70 4.94
C PHE A 332 -18.98 19.21 3.68
N GLN A 333 -18.18 19.45 2.65
CA GLN A 333 -18.65 20.07 1.42
C GLN A 333 -17.63 19.77 0.32
N GLN A 334 -18.14 19.54 -0.88
CA GLN A 334 -17.29 19.09 -1.98
C GLN A 334 -17.62 19.88 -3.23
N VAL A 335 -16.59 20.40 -3.90
CA VAL A 335 -16.75 21.23 -5.10
C VAL A 335 -16.13 20.49 -6.26
N GLU A 336 -16.93 20.24 -7.28
CA GLU A 336 -16.51 19.47 -8.45
C GLU A 336 -16.08 20.44 -9.54
N HIS A 337 -15.06 20.03 -10.32
CA HIS A 337 -14.46 20.81 -11.40
C HIS A 337 -13.92 22.15 -10.88
N TYR A 338 -12.97 22.05 -9.97
CA TYR A 338 -12.37 23.18 -9.30
C TYR A 338 -10.98 23.42 -9.87
N TYR A 339 -10.66 24.68 -10.13
CA TYR A 339 -9.34 25.03 -10.65
C TYR A 339 -8.56 25.79 -9.60
N PRO A 340 -7.46 25.25 -9.10
CA PRO A 340 -6.70 25.93 -8.04
C PRO A 340 -6.03 27.21 -8.54
N ILE A 341 -6.27 28.31 -7.83
CA ILE A 341 -5.69 29.61 -8.14
C ILE A 341 -4.60 29.93 -7.13
N ASP A 342 -3.37 30.09 -7.62
CA ASP A 342 -2.23 30.37 -6.75
C ASP A 342 -2.28 31.80 -6.25
N LEU A 343 -2.04 31.99 -4.95
CA LEU A 343 -2.22 33.30 -4.35
C LEU A 343 -1.04 34.23 -4.60
N ASP A 344 0.06 33.74 -5.14
CA ASP A 344 1.16 34.62 -5.49
C ASP A 344 1.11 35.02 -6.96
N SER A 345 0.75 34.08 -7.84
CA SER A 345 0.83 34.31 -9.27
C SER A 345 -0.51 34.67 -9.91
N ARG A 346 -1.62 34.41 -9.21
CA ARG A 346 -2.99 34.60 -9.71
C ARG A 346 -3.22 33.82 -11.00
N LEU A 347 -2.65 32.63 -11.08
CA LEU A 347 -2.76 31.77 -12.25
C LEU A 347 -3.57 30.54 -11.92
N ARG A 348 -4.71 30.40 -12.58
CA ARG A 348 -5.51 29.19 -12.44
C ARG A 348 -4.80 28.01 -13.06
N ALA A 349 -4.93 26.85 -12.42
CA ALA A 349 -4.28 25.65 -12.91
C ALA A 349 -4.95 25.15 -14.18
N SER A 350 -4.20 24.37 -14.96
CA SER A 350 -4.72 23.85 -16.21
C SER A 350 -5.63 22.64 -15.99
N GLU A 351 -5.37 21.84 -14.97
CA GLU A 351 -6.14 20.65 -14.68
C GLU A 351 -7.18 20.95 -13.60
N SER A 352 -8.36 20.34 -13.74
CA SER A 352 -9.38 20.45 -12.72
C SER A 352 -9.26 19.33 -11.71
N VAL A 353 -9.93 19.51 -10.57
CA VAL A 353 -9.89 18.56 -9.48
C VAL A 353 -11.17 18.74 -8.67
N THR A 354 -11.57 17.68 -7.98
CA THR A 354 -12.64 17.74 -7.00
C THR A 354 -12.04 18.10 -5.64
N ARG A 355 -12.51 19.21 -5.07
CA ARG A 355 -11.92 19.79 -3.87
C ARG A 355 -12.83 19.53 -2.67
N ASN A 356 -12.33 18.80 -1.69
CA ASN A 356 -13.03 18.58 -0.44
C ASN A 356 -12.82 19.78 0.48
N PHE A 357 -13.88 20.16 1.18
CA PHE A 357 -13.82 21.20 2.20
C PHE A 357 -14.37 20.63 3.49
N LEU A 358 -13.70 20.92 4.59
CA LEU A 358 -14.18 20.52 5.91
C LEU A 358 -14.03 21.69 6.86
N ARG A 359 -15.12 22.09 7.49
CA ARG A 359 -15.10 23.12 8.51
C ARG A 359 -14.92 22.47 9.87
N THR A 360 -13.93 22.92 10.61
CA THR A 360 -13.70 22.46 11.97
C THR A 360 -14.05 23.63 12.88
N PRO A 361 -14.10 23.48 14.21
CA PRO A 361 -14.26 24.68 15.06
C PRO A 361 -13.08 25.64 15.05
N HIS A 362 -11.95 25.29 14.45
CA HIS A 362 -10.74 26.10 14.53
C HIS A 362 -10.13 26.47 13.19
N PHE A 363 -10.51 25.81 12.11
CA PHE A 363 -9.96 26.06 10.78
C PHE A 363 -10.84 25.38 9.75
N THR A 364 -10.60 25.70 8.48
CA THR A 364 -11.12 24.90 7.38
C THR A 364 -9.95 24.37 6.55
N VAL A 365 -9.93 23.08 6.37
CA VAL A 365 -8.92 22.42 5.56
C VAL A 365 -9.53 22.09 4.21
N ALA A 366 -8.71 22.17 3.16
CA ALA A 366 -9.14 21.87 1.81
C ALA A 366 -8.11 20.99 1.15
N TRP A 367 -8.55 19.88 0.56
CA TRP A 367 -7.63 18.94 -0.08
C TRP A 367 -8.31 18.31 -1.28
N ASP A 368 -7.52 17.66 -2.11
CA ASP A 368 -7.99 17.08 -3.36
C ASP A 368 -8.48 15.65 -3.12
N TRP A 369 -9.62 15.32 -3.72
CA TRP A 369 -10.19 13.99 -3.55
C TRP A 369 -9.63 13.01 -4.57
N ALA A 370 -9.27 11.83 -4.09
CA ALA A 370 -8.87 10.70 -4.91
C ALA A 370 -9.44 9.45 -4.29
N PRO A 371 -9.78 8.44 -5.10
CA PRO A 371 -10.26 7.18 -4.54
C PRO A 371 -9.19 6.45 -3.74
N LYS A 372 -9.64 5.65 -2.78
CA LYS A 372 -8.73 5.00 -1.84
C LYS A 372 -7.91 3.91 -2.51
N THR A 373 -8.52 3.14 -3.40
CA THR A 373 -7.86 2.00 -3.99
C THR A 373 -6.85 2.38 -5.08
N ARG A 374 -6.81 3.64 -5.49
CA ARG A 374 -5.86 4.05 -6.51
C ARG A 374 -4.60 4.71 -5.95
N ARG A 375 -4.62 5.12 -4.68
CA ARG A 375 -3.52 5.88 -4.10
C ARG A 375 -2.82 5.19 -2.93
N VAL A 376 -3.32 4.05 -2.48
CA VAL A 376 -2.82 3.40 -1.28
C VAL A 376 -2.66 1.90 -1.55
N CYS A 377 -1.49 1.36 -1.22
CA CYS A 377 -1.28 -0.08 -1.17
C CYS A 377 -0.73 -0.48 0.19
N SER A 378 -1.00 -1.72 0.57
CA SER A 378 -0.43 -2.28 1.77
C SER A 378 0.89 -2.98 1.52
N LEU A 379 1.31 -3.10 0.26
CA LEU A 379 2.58 -3.68 -0.11
C LEU A 379 3.39 -2.63 -0.85
N ALA A 380 4.64 -2.48 -0.47
CA ALA A 380 5.53 -1.50 -1.08
C ALA A 380 6.64 -2.21 -1.83
N LYS A 381 7.06 -1.61 -2.93
CA LYS A 381 8.09 -2.21 -3.76
C LYS A 381 9.45 -2.10 -3.12
N TRP A 382 10.15 -3.21 -3.07
CA TRP A 382 11.52 -3.33 -2.61
C TRP A 382 12.33 -3.78 -3.83
N ARG A 383 13.59 -4.16 -3.61
CA ARG A 383 14.57 -4.27 -4.69
C ARG A 383 14.21 -5.32 -5.74
N GLU A 384 14.62 -5.06 -6.97
CA GLU A 384 14.36 -5.92 -8.12
C GLU A 384 15.47 -6.94 -8.30
N ALA A 385 15.17 -8.01 -9.02
CA ALA A 385 16.10 -9.11 -9.23
C ALA A 385 16.11 -9.48 -10.70
N GLU A 386 17.23 -9.20 -11.38
CA GLU A 386 17.30 -9.42 -12.82
C GLU A 386 17.43 -10.90 -13.15
N GLU A 387 18.26 -11.63 -12.43
CA GLU A 387 18.59 -13.01 -12.76
C GLU A 387 18.15 -13.96 -11.66
N MET A 388 16.91 -13.81 -11.22
CA MET A 388 16.34 -14.70 -10.21
C MET A 388 16.27 -16.14 -10.70
N ILE A 389 16.59 -17.08 -9.82
CA ILE A 389 16.52 -18.51 -10.08
C ILE A 389 15.56 -19.12 -9.08
N ARG A 390 14.57 -19.84 -9.59
CA ARG A 390 13.59 -20.53 -8.75
C ARG A 390 14.08 -21.95 -8.56
N ASP A 391 14.65 -22.22 -7.39
CA ASP A 391 15.15 -23.55 -7.07
C ASP A 391 14.00 -24.42 -6.57
N GLU A 392 13.73 -25.50 -7.29
CA GLU A 392 12.74 -26.48 -6.88
C GLU A 392 13.36 -27.83 -6.57
N THR A 393 14.63 -27.82 -6.17
CA THR A 393 15.33 -29.06 -5.84
C THR A 393 14.84 -29.66 -4.54
N ARG A 394 14.42 -28.84 -3.59
CA ARG A 394 13.91 -29.31 -2.31
C ARG A 394 12.41 -29.53 -2.44
N ASP A 395 11.97 -30.76 -2.20
CA ASP A 395 10.62 -31.19 -2.53
C ASP A 395 9.62 -30.59 -1.55
N GLY A 396 8.65 -29.85 -2.09
CA GLY A 396 7.56 -29.28 -1.32
C GLY A 396 7.60 -27.77 -1.19
N SER A 397 8.66 -27.11 -1.63
CA SER A 397 8.80 -25.68 -1.46
C SER A 397 9.59 -25.11 -2.63
N PHE A 398 9.46 -23.80 -2.81
CA PHE A 398 10.29 -23.08 -3.76
C PHE A 398 11.37 -22.30 -3.04
N ARG A 399 12.36 -21.85 -3.79
CA ARG A 399 13.51 -21.18 -3.20
C ARG A 399 14.01 -20.17 -4.23
N PHE A 400 13.81 -18.90 -3.95
CA PHE A 400 14.10 -17.83 -4.90
C PHE A 400 15.46 -17.24 -4.56
N THR A 401 16.45 -17.51 -5.39
CA THR A 401 17.84 -17.18 -5.12
C THR A 401 18.29 -16.08 -6.06
N SER A 402 18.77 -14.98 -5.48
CA SER A 402 19.34 -13.88 -6.25
C SER A 402 20.80 -13.73 -5.88
N ARG A 403 21.69 -13.92 -6.86
CA ARG A 403 23.11 -13.70 -6.63
C ARG A 403 23.47 -12.24 -6.64
N ALA A 404 22.56 -11.36 -7.08
CA ALA A 404 22.81 -9.93 -7.06
C ALA A 404 22.34 -9.30 -5.77
N LEU A 405 21.20 -9.76 -5.24
CA LEU A 405 20.79 -9.33 -3.91
C LEU A 405 21.62 -10.01 -2.84
N GLY A 406 21.91 -11.30 -3.03
CA GLY A 406 22.62 -12.06 -2.02
C GLY A 406 21.72 -12.71 -1.01
N ALA A 407 20.51 -13.09 -1.42
CA ALA A 407 19.54 -13.65 -0.51
C ALA A 407 18.75 -14.75 -1.19
N SER A 408 18.29 -15.70 -0.40
CA SER A 408 17.44 -16.79 -0.87
C SER A 408 16.16 -16.81 -0.05
N PHE A 409 15.03 -16.75 -0.74
CA PHE A 409 13.71 -16.65 -0.12
C PHE A 409 12.93 -17.93 -0.37
N VAL A 410 12.38 -18.51 0.69
CA VAL A 410 11.74 -19.82 0.64
C VAL A 410 10.24 -19.65 0.80
N SER A 411 9.49 -19.91 -0.27
CA SER A 411 8.04 -19.83 -0.26
C SER A 411 7.45 -21.22 -0.43
N ASP A 412 6.13 -21.30 -0.35
CA ASP A 412 5.41 -22.55 -0.55
C ASP A 412 5.06 -22.71 -2.02
N VAL A 413 4.35 -23.79 -2.34
CA VAL A 413 4.03 -24.08 -3.73
C VAL A 413 2.81 -23.27 -4.19
N THR A 414 1.79 -23.19 -3.34
CA THR A 414 0.58 -22.48 -3.69
C THR A 414 0.82 -20.98 -3.75
N GLN A 415 0.29 -20.34 -4.79
CA GLN A 415 0.45 -18.90 -4.93
C GLN A 415 -0.40 -18.16 -3.90
N LEU A 416 -0.06 -16.89 -3.70
CA LEU A 416 -0.86 -16.02 -2.86
C LEU A 416 -2.08 -15.52 -3.64
N ASP A 417 -3.24 -15.53 -2.99
CA ASP A 417 -4.45 -14.95 -3.57
C ASP A 417 -4.48 -13.47 -3.17
N LEU A 418 -4.27 -12.59 -4.16
CA LEU A 418 -4.22 -11.16 -3.87
C LEU A 418 -5.60 -10.57 -3.58
N GLN A 419 -6.67 -11.34 -3.71
CA GLN A 419 -7.97 -10.88 -3.24
C GLN A 419 -8.06 -10.96 -1.73
N ARG A 420 -7.16 -11.72 -1.09
CA ARG A 420 -7.22 -11.87 0.35
C ARG A 420 -6.54 -10.72 1.08
N VAL A 421 -5.50 -10.13 0.47
CA VAL A 421 -4.78 -9.04 1.12
C VAL A 421 -5.58 -7.76 0.98
N HIS A 422 -5.59 -6.97 2.05
CA HIS A 422 -6.31 -5.71 2.04
C HIS A 422 -5.48 -4.66 1.31
N LEU A 423 -6.10 -4.02 0.32
CA LEU A 423 -5.53 -2.94 -0.49
C LEU A 423 -4.29 -3.37 -1.27
N GLY A 424 -4.12 -4.65 -1.53
CA GLY A 424 -2.99 -5.12 -2.30
C GLY A 424 -3.29 -5.27 -3.77
N ASP A 425 -3.46 -4.15 -4.49
CA ASP A 425 -3.85 -4.21 -5.89
C ASP A 425 -2.79 -3.64 -6.83
N CYS A 426 -1.81 -2.91 -6.29
CA CYS A 426 -0.71 -2.45 -7.12
C CYS A 426 0.50 -3.36 -7.06
N VAL A 427 0.41 -4.51 -6.38
CA VAL A 427 1.51 -5.46 -6.34
C VAL A 427 1.63 -6.26 -7.62
N LEU A 428 0.69 -6.14 -8.53
CA LEU A 428 0.67 -6.90 -9.77
C LEU A 428 0.71 -6.01 -11.00
N ARG A 429 0.32 -4.73 -10.86
CA ARG A 429 0.46 -3.81 -11.97
C ARG A 429 1.80 -3.10 -11.95
N GLU A 430 2.40 -2.94 -10.77
CA GLU A 430 3.76 -2.42 -10.70
C GLU A 430 4.77 -3.53 -10.89
N ALA A 431 4.34 -4.78 -10.73
CA ALA A 431 5.21 -5.91 -10.98
C ALA A 431 5.43 -6.10 -12.48
N SER A 432 4.33 -6.22 -13.23
CA SER A 432 4.42 -6.47 -14.66
C SER A 432 4.93 -5.26 -15.44
N GLU A 433 4.85 -4.07 -14.85
CA GLU A 433 5.40 -2.89 -15.50
C GLU A 433 6.91 -2.80 -15.35
N ALA A 434 7.49 -3.56 -14.43
CA ALA A 434 8.93 -3.56 -14.22
C ALA A 434 9.59 -4.88 -14.56
N ILE A 435 8.83 -5.98 -14.56
CA ILE A 435 9.32 -7.22 -15.16
C ILE A 435 9.49 -7.04 -16.66
N ASP A 436 8.51 -6.39 -17.29
CA ASP A 436 8.60 -6.12 -18.72
C ASP A 436 9.60 -5.01 -19.04
N ALA A 437 9.84 -4.09 -18.11
CA ALA A 437 10.73 -2.97 -18.37
C ALA A 437 12.19 -3.37 -18.46
N ILE A 438 12.56 -4.56 -18.00
CA ILE A 438 13.96 -4.98 -18.09
C ILE A 438 13.99 -6.29 -18.87
N TYR A 439 12.81 -6.85 -19.16
CA TYR A 439 12.68 -7.84 -20.23
C TYR A 439 13.11 -7.25 -21.57
N GLN A 440 12.77 -5.99 -21.81
CA GLN A 440 13.20 -5.27 -23.00
C GLN A 440 14.55 -4.60 -22.80
N ARG A 441 15.35 -5.05 -21.83
CA ARG A 441 16.68 -4.51 -21.61
C ARG A 441 17.76 -5.58 -21.50
N ARG A 442 17.44 -6.78 -21.06
CA ARG A 442 18.42 -7.85 -20.93
C ARG A 442 18.08 -9.08 -21.75
N TYR A 443 16.84 -9.57 -21.67
CA TYR A 443 16.46 -10.82 -22.31
C TYR A 443 15.26 -10.57 -23.22
N ASN A 444 15.55 -10.11 -24.44
CA ASN A 444 14.56 -10.03 -25.50
C ASN A 444 14.97 -10.78 -26.75
N ASN A 445 16.26 -10.75 -27.08
CA ASN A 445 16.78 -11.46 -28.24
C ASN A 445 17.02 -12.93 -27.94
N THR A 446 17.06 -13.32 -26.68
CA THR A 446 17.45 -14.66 -26.29
C THR A 446 16.34 -15.45 -25.60
N HIS A 447 15.25 -14.82 -25.18
CA HIS A 447 14.28 -15.52 -24.37
C HIS A 447 12.90 -14.90 -24.52
N VAL A 448 11.92 -15.59 -23.93
CA VAL A 448 10.52 -15.16 -23.93
C VAL A 448 9.90 -15.55 -22.60
N LEU A 449 8.94 -14.73 -22.15
CA LEU A 449 8.29 -14.95 -20.87
C LEU A 449 7.20 -16.00 -21.03
N ALA A 450 6.48 -16.29 -19.95
CA ALA A 450 5.47 -17.35 -19.97
C ALA A 450 4.31 -16.95 -19.07
N GLY A 451 3.12 -16.83 -19.64
CA GLY A 451 1.89 -16.70 -18.89
C GLY A 451 1.20 -15.35 -18.97
N ASP A 452 1.96 -14.26 -19.20
CA ASP A 452 1.47 -12.88 -19.28
C ASP A 452 0.77 -12.40 -18.02
N ARG A 453 1.02 -13.06 -16.89
CA ARG A 453 0.60 -12.67 -15.56
C ARG A 453 1.59 -13.29 -14.60
N PRO A 454 2.32 -12.49 -13.82
CA PRO A 454 3.40 -13.04 -12.99
C PRO A 454 2.88 -13.87 -11.85
N GLU A 455 3.72 -14.78 -11.39
CA GLU A 455 3.39 -15.69 -10.31
C GLU A 455 3.72 -15.01 -8.98
N VAL A 456 2.75 -14.97 -8.07
CA VAL A 456 2.83 -14.16 -6.87
C VAL A 456 2.84 -15.08 -5.66
N TYR A 457 3.94 -15.05 -4.90
CA TYR A 457 4.18 -15.97 -3.81
C TYR A 457 4.41 -15.21 -2.50
N LEU A 458 3.94 -15.76 -1.40
CA LEU A 458 4.20 -15.23 -0.07
C LEU A 458 5.42 -15.96 0.48
N ALA A 459 6.56 -15.28 0.50
CA ALA A 459 7.80 -15.88 0.93
C ALA A 459 7.89 -15.89 2.45
N ARG A 460 8.91 -16.56 2.96
CA ARG A 460 9.17 -16.60 4.39
C ARG A 460 9.63 -15.22 4.86
N GLY A 461 9.19 -14.84 6.05
CA GLY A 461 9.54 -13.56 6.61
C GLY A 461 8.67 -12.41 6.16
N GLY A 462 7.64 -12.66 5.36
CA GLY A 462 6.74 -11.62 4.95
C GLY A 462 7.15 -10.87 3.72
N PHE A 463 7.67 -11.55 2.71
CA PHE A 463 7.99 -10.94 1.43
C PHE A 463 7.06 -11.50 0.37
N VAL A 464 6.72 -10.67 -0.61
CA VAL A 464 5.86 -11.07 -1.70
C VAL A 464 6.72 -11.12 -2.95
N VAL A 465 6.87 -12.32 -3.51
CA VAL A 465 7.78 -12.55 -4.63
C VAL A 465 6.94 -12.69 -5.89
N ALA A 466 6.87 -11.62 -6.66
CA ALA A 466 6.18 -11.59 -7.94
C ALA A 466 7.17 -12.13 -8.97
N PHE A 467 7.04 -13.42 -9.28
CA PHE A 467 7.97 -14.11 -10.15
C PHE A 467 7.35 -14.27 -11.53
N ARG A 468 8.18 -14.12 -12.56
CA ARG A 468 7.75 -14.38 -13.93
C ARG A 468 8.79 -15.27 -14.61
N PRO A 469 8.42 -16.46 -15.07
CA PRO A 469 9.40 -17.36 -15.69
C PRO A 469 9.91 -16.83 -17.02
N LEU A 470 11.06 -17.36 -17.41
CA LEU A 470 11.78 -16.91 -18.60
C LEU A 470 12.18 -18.15 -19.39
N ILE A 471 11.44 -18.43 -20.47
CA ILE A 471 11.68 -19.60 -21.31
C ILE A 471 12.60 -19.21 -22.46
N SER A 472 13.36 -20.18 -22.94
CA SER A 472 14.37 -19.95 -23.96
C SER A 472 13.74 -19.95 -25.35
N ASN A 473 14.45 -19.34 -26.30
CA ASN A 473 13.98 -19.35 -27.68
C ASN A 473 14.11 -20.73 -28.30
N GLU A 474 15.20 -21.42 -28.00
CA GLU A 474 15.41 -22.78 -28.46
C GLU A 474 14.49 -23.78 -27.80
N LEU A 475 13.93 -23.46 -26.63
CA LEU A 475 12.95 -24.32 -25.99
C LEU A 475 11.56 -23.94 -26.43
N GLY A 522 -12.07 -13.08 5.65
CA GLY A 522 -10.82 -13.31 6.33
C GLY A 522 -9.62 -12.77 5.59
N HIS A 523 -9.27 -11.52 5.88
CA HIS A 523 -8.13 -10.88 5.23
C HIS A 523 -6.81 -11.39 5.82
N LEU A 524 -5.75 -11.23 5.04
CA LEU A 524 -4.40 -11.56 5.46
C LEU A 524 -3.61 -10.28 5.69
N ARG A 525 -2.86 -10.25 6.79
CA ARG A 525 -2.04 -9.09 7.15
C ARG A 525 -0.57 -9.48 7.03
N ILE A 526 0.14 -8.83 6.12
CA ILE A 526 1.54 -9.16 5.84
C ILE A 526 2.43 -8.23 6.63
N THR A 527 3.24 -8.80 7.52
CA THR A 527 4.22 -8.06 8.30
C THR A 527 5.61 -8.52 7.91
N THR A 528 6.47 -7.56 7.57
CA THR A 528 7.81 -7.84 7.09
C THR A 528 8.81 -7.56 8.19
N GLY A 529 9.64 -8.54 8.50
CA GLY A 529 10.71 -8.34 9.46
C GLY A 529 11.98 -7.83 8.79
N SER A 530 13.11 -8.44 9.13
CA SER A 530 14.38 -8.14 8.50
C SER A 530 14.71 -9.24 7.51
N ALA A 531 15.73 -8.99 6.68
CA ALA A 531 16.14 -9.93 5.64
C ALA A 531 17.46 -10.60 5.98
N GLU A 532 17.84 -10.60 7.26
CA GLU A 532 19.09 -11.20 7.67
C GLU A 532 19.07 -12.71 7.62
N PHE A 533 17.88 -13.30 7.69
CA PHE A 533 17.76 -14.75 7.62
C PHE A 533 17.96 -15.26 6.20
N ALA A 534 17.66 -14.42 5.22
CA ALA A 534 17.80 -14.82 3.84
C ALA A 534 19.22 -14.66 3.33
N ARG A 535 20.01 -13.78 3.95
CA ARG A 535 21.42 -13.69 3.61
C ARG A 535 22.18 -14.90 4.11
N LEU A 536 21.82 -15.39 5.30
CA LEU A 536 22.44 -16.59 5.86
C LEU A 536 22.02 -17.83 5.08
N GLN A 537 20.78 -17.85 4.58
CA GLN A 537 20.30 -19.00 3.83
C GLN A 537 20.94 -19.06 2.45
N PHE A 538 21.21 -17.89 1.85
CA PHE A 538 21.98 -17.84 0.62
C PHE A 538 23.41 -18.30 0.83
N THR A 539 24.05 -17.85 1.91
CA THR A 539 25.46 -18.11 2.12
C THR A 539 25.68 -19.57 2.51
N TYR A 540 24.77 -20.15 3.30
CA TYR A 540 24.91 -21.55 3.68
C TYR A 540 24.67 -22.47 2.51
N ASP A 541 23.63 -22.21 1.73
CA ASP A 541 23.27 -23.12 0.64
C ASP A 541 24.25 -23.06 -0.51
N HIS A 542 24.92 -21.92 -0.71
CA HIS A 542 25.90 -21.85 -1.78
C HIS A 542 27.22 -22.50 -1.38
N ILE A 543 27.52 -22.55 -0.09
CA ILE A 543 28.71 -23.25 0.37
C ILE A 543 28.39 -24.72 0.67
N GLN A 544 27.12 -25.05 0.91
CA GLN A 544 26.72 -26.45 1.03
C GLN A 544 26.79 -27.16 -0.31
N ALA A 545 26.28 -26.52 -1.36
CA ALA A 545 26.17 -27.17 -2.66
C ALA A 545 27.53 -27.35 -3.31
N HIS A 546 28.52 -26.55 -2.93
CA HIS A 546 29.85 -26.72 -3.49
C HIS A 546 30.62 -27.83 -2.77
N VAL A 547 30.53 -27.91 -1.45
CA VAL A 547 31.28 -28.92 -0.73
C VAL A 547 30.65 -30.30 -0.88
N ASN A 548 29.36 -30.37 -1.23
CA ASN A 548 28.77 -31.66 -1.53
C ASN A 548 29.09 -32.11 -2.94
N ASP A 549 29.28 -31.17 -3.85
CA ASP A 549 29.70 -31.53 -5.19
C ASP A 549 31.17 -31.90 -5.21
N MET A 550 31.99 -31.19 -4.44
CA MET A 550 33.43 -31.46 -4.41
C MET A 550 33.73 -32.80 -3.74
N LEU A 551 33.08 -33.08 -2.61
CA LEU A 551 33.34 -34.31 -1.89
C LEU A 551 32.56 -35.49 -2.45
N GLY A 552 31.61 -35.26 -3.35
CA GLY A 552 31.00 -36.35 -4.09
C GLY A 552 31.81 -36.78 -5.29
N ARG A 553 32.81 -36.00 -5.67
CA ARG A 553 33.74 -36.37 -6.73
C ARG A 553 34.97 -37.07 -6.19
N ILE A 554 35.42 -36.70 -5.00
CA ILE A 554 36.55 -37.41 -4.40
C ILE A 554 36.10 -38.76 -3.89
N ALA A 555 34.83 -38.90 -3.52
CA ALA A 555 34.31 -40.21 -3.17
C ALA A 555 34.16 -41.09 -4.41
N ALA A 556 33.77 -40.48 -5.52
CA ALA A 556 33.60 -41.23 -6.76
C ALA A 556 34.93 -41.57 -7.41
N ALA A 557 35.98 -40.78 -7.16
CA ALA A 557 37.30 -41.08 -7.71
C ALA A 557 38.07 -42.04 -6.82
N TRP A 558 37.82 -42.03 -5.51
CA TRP A 558 38.46 -42.98 -4.62
C TRP A 558 37.91 -44.38 -4.85
N CYS A 559 36.61 -44.48 -5.11
CA CYS A 559 35.97 -45.75 -5.45
C CYS A 559 36.50 -46.31 -6.76
N GLU A 560 36.80 -45.44 -7.72
CA GLU A 560 37.29 -45.91 -9.01
C GLU A 560 38.77 -46.27 -8.95
N LEU A 561 39.55 -45.52 -8.16
CA LEU A 561 40.98 -45.79 -8.03
C LEU A 561 41.23 -47.13 -7.38
N GLN A 562 40.46 -47.47 -6.35
CA GLN A 562 40.62 -48.75 -5.68
C GLN A 562 40.19 -49.92 -6.55
N ASN A 563 39.39 -49.68 -7.59
CA ASN A 563 39.00 -50.74 -8.51
C ASN A 563 40.11 -51.05 -9.51
N LYS A 564 40.75 -50.03 -10.06
CA LYS A 564 41.86 -50.26 -10.97
C LYS A 564 43.12 -50.70 -10.25
N ASP A 565 43.25 -50.39 -8.95
CA ASP A 565 44.39 -50.89 -8.20
C ASP A 565 44.24 -52.37 -7.87
N ARG A 566 43.01 -52.88 -7.90
CA ARG A 566 42.75 -54.29 -7.59
C ARG A 566 43.34 -55.21 -8.65
N THR A 567 43.51 -54.73 -9.88
CA THR A 567 44.24 -55.48 -10.90
C THR A 567 45.69 -55.65 -10.52
N LEU A 568 46.29 -54.64 -9.90
CA LEU A 568 47.68 -54.72 -9.49
C LEU A 568 47.88 -55.63 -8.28
N TRP A 569 46.88 -55.70 -7.39
CA TRP A 569 47.00 -56.60 -6.24
C TRP A 569 46.82 -58.05 -6.64
N SER A 570 46.07 -58.31 -7.71
CA SER A 570 45.93 -59.68 -8.18
C SER A 570 47.15 -60.17 -8.93
N GLU A 571 47.92 -59.26 -9.54
CA GLU A 571 49.09 -59.68 -10.30
C GLU A 571 50.29 -59.97 -9.42
N MET A 572 50.34 -59.40 -8.21
CA MET A 572 51.34 -59.77 -7.22
C MET A 572 50.85 -60.87 -6.30
N SER A 573 49.81 -61.60 -6.71
CA SER A 573 49.41 -62.81 -6.02
C SER A 573 49.92 -64.07 -6.69
N ARG A 574 50.21 -64.01 -7.99
CA ARG A 574 50.87 -65.13 -8.65
C ARG A 574 52.35 -65.19 -8.29
N LEU A 575 52.95 -64.05 -7.98
CA LEU A 575 54.34 -63.96 -7.53
C LEU A 575 54.38 -63.16 -6.25
N ASN A 576 55.07 -63.70 -5.24
CA ASN A 576 55.12 -63.23 -3.85
C ASN A 576 53.69 -63.17 -3.31
N PRO A 577 53.04 -64.32 -3.12
CA PRO A 577 51.65 -64.31 -2.65
C PRO A 577 51.50 -63.99 -1.17
N SER A 578 52.60 -63.90 -0.43
CA SER A 578 52.51 -63.66 1.01
C SER A 578 52.53 -62.18 1.36
N ALA A 579 52.83 -61.31 0.40
CA ALA A 579 52.78 -59.88 0.65
C ALA A 579 51.35 -59.35 0.61
N VAL A 580 50.50 -59.93 -0.24
CA VAL A 580 49.12 -59.47 -0.35
C VAL A 580 48.31 -59.85 0.87
N ALA A 581 48.72 -60.88 1.60
CA ALA A 581 48.05 -61.25 2.84
C ALA A 581 48.49 -60.40 4.01
N THR A 582 49.75 -59.95 4.01
CA THR A 582 50.22 -59.09 5.10
C THR A 582 49.64 -57.69 4.99
N ALA A 583 49.42 -57.21 3.77
CA ALA A 583 48.89 -55.86 3.59
C ALA A 583 47.38 -55.81 3.82
N ALA A 584 46.66 -56.83 3.38
CA ALA A 584 45.21 -56.82 3.48
C ALA A 584 44.71 -57.10 4.89
N LEU A 585 45.47 -57.82 5.70
CA LEU A 585 45.02 -58.19 7.05
C LEU A 585 45.65 -57.31 8.11
N GLY A 586 46.97 -57.27 8.15
CA GLY A 586 47.67 -56.45 9.13
C GLY A 586 48.75 -57.21 9.89
N GLN A 587 48.50 -58.48 10.19
CA GLN A 587 49.48 -59.34 10.81
C GLN A 587 50.36 -59.97 9.75
N ARG A 588 51.60 -60.29 10.14
CA ARG A 588 52.55 -60.87 9.20
C ARG A 588 52.17 -62.31 8.89
N VAL A 589 51.39 -62.48 7.84
CA VAL A 589 50.80 -63.77 7.53
C VAL A 589 51.61 -64.43 6.41
N SER A 590 51.36 -65.71 6.19
CA SER A 590 51.99 -66.47 5.13
C SER A 590 50.90 -67.13 4.30
N ALA A 591 50.96 -66.92 2.99
CA ALA A 591 49.95 -67.45 2.09
C ALA A 591 50.59 -68.30 1.01
N ARG A 592 49.87 -69.34 0.60
CA ARG A 592 50.29 -70.20 -0.49
C ARG A 592 49.22 -70.16 -1.57
N MET A 593 49.65 -70.25 -2.83
CA MET A 593 48.74 -70.12 -3.96
C MET A 593 48.10 -71.48 -4.21
N LEU A 594 46.89 -71.65 -3.67
CA LEU A 594 46.11 -72.87 -3.89
C LEU A 594 45.21 -72.67 -5.11
N GLY A 595 45.85 -72.64 -6.27
CA GLY A 595 45.14 -72.40 -7.52
C GLY A 595 44.77 -70.93 -7.65
N ASP A 596 43.47 -70.65 -7.52
CA ASP A 596 42.95 -69.28 -7.58
C ASP A 596 42.33 -68.85 -6.26
N VAL A 597 42.89 -69.33 -5.14
CA VAL A 597 42.47 -68.93 -3.81
C VAL A 597 43.69 -69.06 -2.91
N MET A 598 43.74 -68.26 -1.85
CA MET A 598 44.89 -68.21 -0.96
C MET A 598 44.54 -68.80 0.39
N ALA A 599 45.51 -69.50 0.99
CA ALA A 599 45.36 -70.13 2.30
C ALA A 599 46.34 -69.47 3.26
N ILE A 600 45.83 -68.96 4.38
CA ILE A 600 46.56 -68.03 5.22
C ILE A 600 46.99 -68.74 6.50
N SER A 601 48.28 -68.64 6.83
CA SER A 601 48.82 -69.11 8.10
C SER A 601 49.39 -67.93 8.86
N ARG A 602 48.87 -67.68 10.06
CA ARG A 602 49.27 -66.52 10.84
C ARG A 602 50.69 -66.65 11.39
N GLY A 609 68.05 -67.71 21.03
CA GLY A 609 68.38 -68.69 20.01
C GLY A 609 68.53 -68.07 18.63
N VAL A 610 69.07 -66.86 18.58
CA VAL A 610 69.26 -66.14 17.33
C VAL A 610 70.75 -65.82 17.26
N TYR A 611 71.48 -66.60 16.46
CA TYR A 611 72.89 -66.34 16.21
C TYR A 611 73.02 -65.25 15.16
N VAL A 612 74.26 -64.89 14.80
CA VAL A 612 74.48 -63.86 13.81
C VAL A 612 74.15 -64.42 12.44
N GLN A 613 74.95 -65.40 12.00
CA GLN A 613 74.78 -66.15 10.76
C GLN A 613 75.86 -67.21 10.72
N ASN A 614 75.68 -68.18 9.82
CA ASN A 614 76.82 -68.92 9.30
C ASN A 614 77.50 -68.05 8.25
N SER A 615 78.83 -67.95 8.32
CA SER A 615 79.56 -66.99 7.52
C SER A 615 79.58 -67.31 6.03
N MET A 616 79.22 -68.52 5.63
CA MET A 616 79.16 -68.89 4.23
C MET A 616 77.75 -68.77 3.69
N SER A 627 73.09 -67.83 -2.21
CA SER A 627 72.78 -66.41 -2.35
C SER A 627 72.33 -65.83 -1.01
N ARG A 628 71.12 -66.13 -0.61
CA ARG A 628 70.62 -65.64 0.66
C ARG A 628 71.16 -66.50 1.79
N PRO A 629 71.46 -65.93 2.96
CA PRO A 629 72.02 -66.71 4.07
C PRO A 629 70.96 -67.46 4.87
N LEU A 630 70.17 -68.29 4.18
CA LEU A 630 69.16 -69.11 4.82
C LEU A 630 69.71 -70.52 5.01
N VAL A 631 70.50 -70.67 6.08
CA VAL A 631 71.12 -71.95 6.40
C VAL A 631 70.59 -72.46 7.72
N THR A 632 70.82 -71.69 8.79
CA THR A 632 70.38 -72.07 10.12
C THR A 632 70.20 -70.81 10.97
N PHE A 633 69.44 -70.96 12.04
CA PHE A 633 69.20 -69.86 12.99
C PHE A 633 70.26 -69.80 14.07
N GLU A 634 70.47 -70.90 14.80
CA GLU A 634 71.48 -70.95 15.85
C GLU A 634 72.13 -72.33 15.91
N LEU A 645 66.28 -67.68 6.64
CA LEU A 645 66.55 -66.25 6.74
C LEU A 645 66.23 -65.53 5.45
N GLY A 646 64.93 -65.38 5.16
CA GLY A 646 64.50 -64.73 3.94
C GLY A 646 64.45 -63.23 4.04
N ASP A 647 63.36 -62.62 3.57
CA ASP A 647 63.19 -61.18 3.59
C ASP A 647 62.17 -60.78 4.64
N ASP A 648 62.22 -59.50 5.02
CA ASP A 648 61.33 -58.87 5.99
C ASP A 648 61.41 -59.55 7.36
N ASN A 649 62.62 -59.97 7.74
CA ASN A 649 62.92 -60.63 9.02
C ASN A 649 62.07 -61.88 9.23
N GLU A 650 62.00 -62.71 8.20
CA GLU A 650 61.28 -63.98 8.25
C GLU A 650 62.29 -65.11 8.06
N LEU A 651 62.49 -65.90 9.11
CA LEU A 651 63.46 -66.99 9.08
C LEU A 651 62.80 -68.25 8.52
N LEU A 652 63.46 -68.86 7.53
CA LEU A 652 62.94 -70.12 6.94
C LEU A 652 63.52 -71.29 7.72
N ILE A 653 62.89 -72.46 7.65
CA ILE A 653 63.35 -73.62 8.45
C ILE A 653 64.35 -74.43 7.62
N SER A 654 64.83 -73.88 6.50
CA SER A 654 65.72 -74.69 5.63
C SER A 654 66.85 -73.83 5.08
N ARG A 655 67.63 -74.43 4.18
CA ARG A 655 68.39 -73.69 3.14
C ARG A 655 67.60 -73.75 1.84
N ASP A 656 67.28 -72.59 1.25
CA ASP A 656 66.48 -72.55 0.01
C ASP A 656 67.18 -71.69 -1.04
N LEU A 657 68.29 -71.04 -0.66
CA LEU A 657 69.00 -70.14 -1.61
C LEU A 657 70.09 -70.94 -2.33
N ILE A 658 70.98 -70.23 -3.03
CA ILE A 658 72.12 -70.90 -3.73
C ILE A 658 73.32 -70.87 -2.78
N GLU A 659 73.12 -70.39 -1.56
CA GLU A 659 74.23 -70.27 -0.57
C GLU A 659 75.53 -69.92 -1.31
N TYR A 668 71.38 -55.90 0.80
CA TYR A 668 72.07 -56.58 1.89
C TYR A 668 71.09 -57.54 2.53
N PHE A 669 71.51 -58.20 3.60
CA PHE A 669 70.56 -58.89 4.46
C PHE A 669 70.15 -57.98 5.60
N LYS A 670 68.85 -57.93 5.86
CA LYS A 670 68.30 -57.07 6.91
C LYS A 670 68.10 -57.92 8.16
N LEU A 671 68.81 -57.59 9.23
CA LEU A 671 68.70 -58.26 10.51
C LEU A 671 68.13 -57.28 11.52
N GLY A 672 66.86 -57.48 11.90
CA GLY A 672 66.20 -56.64 12.88
C GLY A 672 66.04 -55.21 12.42
N SER A 673 66.78 -54.31 13.04
CA SER A 673 66.84 -52.91 12.64
C SER A 673 68.21 -52.57 12.07
N GLY A 674 68.88 -53.54 11.45
CA GLY A 674 70.18 -53.32 10.89
C GLY A 674 70.39 -54.13 9.63
N TYR A 675 71.45 -53.79 8.91
CA TYR A 675 71.85 -54.46 7.68
C TYR A 675 73.26 -55.02 7.84
N VAL A 676 73.41 -56.30 7.58
CA VAL A 676 74.69 -56.98 7.74
C VAL A 676 75.36 -57.09 6.37
N TYR A 677 76.56 -56.54 6.26
CA TYR A 677 77.23 -56.46 4.97
C TYR A 677 78.04 -57.72 4.70
N TYR A 678 77.85 -58.29 3.53
CA TYR A 678 78.62 -59.46 3.09
C TYR A 678 79.50 -59.07 1.91
N GLU A 679 80.67 -59.69 1.83
CA GLU A 679 81.62 -59.47 0.74
C GLU A 679 82.24 -60.82 0.39
N ASP A 680 81.90 -61.33 -0.81
CA ASP A 680 82.30 -62.65 -1.30
C ASP A 680 81.93 -63.76 -0.31
N TYR A 681 80.68 -63.71 0.16
CA TYR A 681 80.10 -64.63 1.13
C TYR A 681 80.91 -64.66 2.43
N SER A 682 81.05 -63.49 3.05
CA SER A 682 81.78 -63.35 4.30
C SER A 682 81.29 -62.11 5.03
N TYR A 683 80.98 -62.26 6.31
CA TYR A 683 80.46 -61.15 7.10
C TYR A 683 81.52 -60.08 7.33
N VAL A 684 81.09 -58.82 7.33
CA VAL A 684 82.00 -57.71 7.60
C VAL A 684 81.53 -56.94 8.82
N ARG A 685 80.36 -56.32 8.74
CA ARG A 685 79.88 -55.44 9.80
C ARG A 685 78.38 -55.26 9.68
N MET A 686 77.74 -54.87 10.78
CA MET A 686 76.31 -54.55 10.79
C MET A 686 76.14 -53.04 10.63
N VAL A 687 76.30 -52.59 9.39
CA VAL A 687 76.26 -51.16 9.07
C VAL A 687 74.82 -50.69 8.95
N GLU A 688 74.62 -49.38 8.91
CA GLU A 688 73.32 -48.77 8.74
C GLU A 688 73.30 -47.90 7.49
N VAL A 689 72.10 -47.63 6.98
CA VAL A 689 71.94 -46.77 5.81
C VAL A 689 71.04 -45.58 6.15
N PRO A 690 71.56 -44.36 6.07
CA PRO A 690 70.71 -43.19 6.38
C PRO A 690 69.88 -42.71 5.20
N GLU A 691 70.37 -42.95 3.99
CA GLU A 691 69.71 -42.47 2.78
C GLU A 691 68.53 -43.38 2.45
N THR A 692 67.35 -42.79 2.27
CA THR A 692 66.13 -43.53 2.01
C THR A 692 65.37 -42.85 0.88
N ILE A 693 64.97 -43.64 -0.12
CA ILE A 693 64.10 -43.14 -1.17
C ILE A 693 62.66 -43.46 -0.80
N SER A 694 61.74 -42.56 -1.16
CA SER A 694 60.34 -42.71 -0.78
C SER A 694 59.45 -42.22 -1.92
N THR A 695 58.56 -43.09 -2.37
CA THR A 695 57.60 -42.78 -3.41
C THR A 695 56.27 -42.27 -2.86
N ARG A 696 56.21 -41.98 -1.57
CA ARG A 696 54.99 -41.50 -0.93
C ARG A 696 54.71 -40.06 -1.35
N VAL A 697 53.49 -39.80 -1.82
CA VAL A 697 53.05 -38.44 -2.07
C VAL A 697 52.53 -37.88 -0.74
N THR A 698 52.71 -36.58 -0.56
CA THR A 698 52.30 -35.94 0.68
C THR A 698 51.04 -35.12 0.46
N LEU A 699 50.17 -35.12 1.46
CA LEU A 699 48.94 -34.34 1.43
C LEU A 699 48.81 -33.65 2.78
N ASN A 700 49.26 -32.39 2.84
CA ASN A 700 49.21 -31.60 4.06
C ASN A 700 47.92 -30.79 4.03
N LEU A 701 46.92 -31.25 4.77
CA LEU A 701 45.65 -30.56 4.88
C LEU A 701 45.55 -29.96 6.27
N THR A 702 45.41 -28.65 6.35
CA THR A 702 45.24 -27.95 7.61
C THR A 702 43.77 -27.93 8.00
N LEU A 703 43.46 -27.20 9.06
CA LEU A 703 42.11 -27.11 9.57
C LEU A 703 41.67 -25.66 9.56
N LEU A 704 40.34 -25.45 9.49
CA LEU A 704 39.80 -24.12 9.73
C LEU A 704 40.01 -23.72 11.18
N GLU A 705 40.69 -22.61 11.39
CA GLU A 705 40.84 -22.08 12.74
C GLU A 705 39.51 -21.51 13.21
N ASP A 706 39.32 -21.53 14.52
CA ASP A 706 38.09 -21.01 15.10
C ASP A 706 38.08 -19.49 15.05
N ARG A 707 36.97 -18.93 14.58
CA ARG A 707 36.76 -17.49 14.54
C ARG A 707 35.62 -17.13 15.47
N GLU A 708 35.87 -16.24 16.41
CA GLU A 708 34.86 -15.77 17.35
C GLU A 708 34.20 -14.53 16.78
N PHE A 709 32.87 -14.48 16.90
CA PHE A 709 32.06 -13.39 16.36
C PHE A 709 31.50 -12.57 17.52
N LEU A 710 32.21 -11.52 17.89
CA LEU A 710 31.75 -10.59 18.91
C LEU A 710 30.61 -9.75 18.35
N PRO A 711 29.74 -9.22 19.21
CA PRO A 711 28.67 -8.35 18.72
C PRO A 711 29.22 -7.04 18.16
N LEU A 712 28.60 -6.58 17.08
CA LEU A 712 29.13 -5.50 16.25
C LEU A 712 27.93 -4.83 15.58
N GLU A 713 27.52 -3.69 16.10
CA GLU A 713 26.45 -2.91 15.52
C GLU A 713 26.94 -1.50 15.24
N VAL A 714 26.48 -0.92 14.14
CA VAL A 714 26.95 0.40 13.76
C VAL A 714 26.34 1.48 14.65
N TYR A 715 25.06 1.35 14.99
CA TYR A 715 24.39 2.28 15.89
C TYR A 715 23.62 1.45 16.92
N THR A 716 23.76 1.81 18.19
CA THR A 716 23.02 1.10 19.21
C THR A 716 21.61 1.68 19.34
N ARG A 717 20.81 1.07 20.20
CA ARG A 717 19.40 1.44 20.32
C ARG A 717 19.24 2.79 21.02
N GLU A 718 20.11 3.08 21.99
CA GLU A 718 20.05 4.37 22.68
C GLU A 718 20.53 5.49 21.77
N GLU A 719 21.47 5.19 20.89
CA GLU A 719 22.00 6.20 19.97
C GLU A 719 21.01 6.51 18.85
N LEU A 720 20.26 5.51 18.39
CA LEU A 720 19.34 5.67 17.29
C LEU A 720 18.02 6.28 17.74
N ALA A 721 17.81 6.41 19.04
CA ALA A 721 16.69 7.14 19.60
C ALA A 721 17.06 8.54 20.07
N ASP A 722 18.36 8.87 20.12
CA ASP A 722 18.84 10.18 20.52
C ASP A 722 19.09 11.08 19.31
N THR A 723 18.33 10.88 18.25
CA THR A 723 18.45 11.66 17.03
C THR A 723 17.17 12.46 16.86
N GLY A 724 17.31 13.77 16.81
CA GLY A 724 16.16 14.66 16.72
C GLY A 724 16.42 15.80 17.69
N LEU A 725 15.79 16.95 17.40
CA LEU A 725 15.97 18.11 18.26
C LEU A 725 15.27 17.93 19.60
N LEU A 726 14.00 17.56 19.56
CA LEU A 726 13.17 17.51 20.76
C LEU A 726 12.67 16.09 20.98
N ASP A 727 12.64 15.67 22.24
CA ASP A 727 12.05 14.41 22.64
C ASP A 727 10.86 14.71 23.53
N TYR A 728 9.67 14.31 23.08
CA TYR A 728 8.42 14.72 23.72
C TYR A 728 8.30 14.17 25.14
N SER A 729 8.84 12.99 25.39
CA SER A 729 8.75 12.44 26.74
C SER A 729 9.69 13.10 27.71
N GLU A 730 10.82 13.65 27.24
CA GLU A 730 11.73 14.37 28.12
C GLU A 730 11.35 15.83 28.29
N ILE A 731 10.76 16.45 27.28
CA ILE A 731 10.29 17.82 27.40
C ILE A 731 9.10 17.89 28.35
N GLN A 732 8.23 16.89 28.34
CA GLN A 732 7.06 16.94 29.21
C GLN A 732 7.39 16.59 30.65
N ARG A 733 8.35 15.70 30.91
CA ARG A 733 8.65 15.39 32.29
C ARG A 733 9.54 16.44 32.96
N ARG A 734 9.90 17.51 32.24
CA ARG A 734 10.51 18.69 32.84
C ARG A 734 9.53 19.84 32.97
N ASN A 735 8.65 20.03 31.99
CA ASN A 735 7.76 21.18 32.00
C ASN A 735 6.49 20.96 32.81
N GLN A 736 6.13 19.72 33.12
CA GLN A 736 5.02 19.51 34.02
C GLN A 736 5.44 19.51 35.49
N LEU A 737 6.73 19.66 35.75
CA LEU A 737 7.27 19.83 37.09
C LEU A 737 7.43 21.30 37.45
N HIS A 738 7.00 22.19 36.56
CA HIS A 738 7.30 23.61 36.66
C HIS A 738 6.58 24.28 37.82
N ALA A 739 5.33 23.89 38.08
CA ALA A 739 4.59 24.47 39.21
C ALA A 739 5.04 23.91 40.54
N LEU A 740 5.54 22.69 40.57
CA LEU A 740 6.06 22.09 41.79
C LEU A 740 7.49 22.55 42.10
N LYS A 741 8.18 23.13 41.12
CA LYS A 741 9.58 23.50 41.28
C LYS A 741 9.78 24.97 41.61
N PHE A 742 8.95 25.86 41.05
CA PHE A 742 9.15 27.29 41.21
C PHE A 742 8.02 27.96 41.98
N TYR A 743 7.08 27.19 42.52
CA TYR A 743 5.98 27.73 43.30
C TYR A 743 5.68 26.79 44.46
N ASP A 744 4.82 27.25 45.34
CA ASP A 744 4.43 26.53 46.55
C ASP A 744 2.95 26.19 46.41
N ILE A 745 2.65 24.92 46.15
CA ILE A 745 1.28 24.50 45.91
C ILE A 745 0.61 24.09 47.22
N ASP A 746 1.37 23.55 48.16
CA ASP A 746 0.80 22.91 49.34
C ASP A 746 0.41 23.90 50.45
N ARG A 747 0.70 25.18 50.30
CA ARG A 747 0.34 26.16 51.31
C ARG A 747 -0.99 26.80 50.95
N VAL A 748 -1.85 27.00 51.95
CA VAL A 748 -3.19 27.56 51.77
C VAL A 748 -3.35 28.74 52.73
N VAL A 749 -3.73 29.89 52.18
CA VAL A 749 -3.92 31.10 52.97
C VAL A 749 -5.20 30.98 53.79
N LYS A 750 -5.35 31.86 54.78
CA LYS A 750 -6.55 31.86 55.61
C LYS A 750 -7.02 33.28 55.89
N GLU B 20 -39.35 36.88 -2.52
CA GLU B 20 -39.27 35.44 -2.59
C GLU B 20 -38.57 34.99 -3.86
N VAL B 21 -38.02 33.78 -3.83
CA VAL B 21 -37.33 33.21 -4.98
C VAL B 21 -38.36 32.74 -5.99
N GLN B 22 -38.29 33.27 -7.21
CA GLN B 22 -39.22 32.94 -8.27
C GLN B 22 -38.43 32.65 -9.53
N LEU B 23 -38.75 31.53 -10.19
CA LEU B 23 -38.09 31.11 -11.42
C LEU B 23 -39.14 31.13 -12.52
N GLN B 24 -39.28 32.27 -13.18
CA GLN B 24 -40.29 32.45 -14.22
C GLN B 24 -39.84 31.76 -15.49
N GLN B 25 -40.71 30.94 -16.06
CA GLN B 25 -40.37 30.08 -17.17
C GLN B 25 -41.31 30.39 -18.33
N SER B 26 -40.89 30.02 -19.54
CA SER B 26 -41.58 30.45 -20.76
C SER B 26 -42.89 29.67 -20.95
N GLY B 27 -43.53 29.86 -22.10
CA GLY B 27 -44.88 29.40 -22.31
C GLY B 27 -44.97 28.18 -23.18
N PRO B 28 -46.18 27.63 -23.32
CA PRO B 28 -46.38 26.44 -24.15
C PRO B 28 -46.18 26.73 -25.62
N GLU B 29 -45.45 25.84 -26.30
CA GLU B 29 -45.02 26.10 -27.67
C GLU B 29 -45.27 24.87 -28.53
N LEU B 30 -46.21 24.99 -29.47
CA LEU B 30 -46.40 24.00 -30.52
C LEU B 30 -45.34 24.22 -31.59
N VAL B 31 -44.51 23.21 -31.86
CA VAL B 31 -43.40 23.33 -32.79
C VAL B 31 -43.40 22.11 -33.72
N LYS B 32 -43.26 22.37 -35.02
CA LYS B 32 -43.24 21.34 -36.04
C LYS B 32 -42.01 20.43 -35.86
N PRO B 33 -42.09 19.17 -36.31
CA PRO B 33 -40.94 18.26 -36.18
C PRO B 33 -39.74 18.69 -37.00
N GLY B 34 -38.57 18.33 -36.50
CA GLY B 34 -37.32 18.67 -37.13
C GLY B 34 -36.80 20.06 -36.85
N ALA B 35 -37.56 20.88 -36.12
CA ALA B 35 -37.18 22.26 -35.86
C ALA B 35 -36.38 22.34 -34.56
N SER B 36 -36.20 23.56 -34.05
CA SER B 36 -35.44 23.78 -32.83
C SER B 36 -36.20 24.73 -31.92
N VAL B 37 -36.16 24.44 -30.62
CA VAL B 37 -36.89 25.19 -29.60
C VAL B 37 -35.86 25.71 -28.59
N LYS B 38 -35.98 26.98 -28.23
CA LYS B 38 -35.23 27.55 -27.11
C LYS B 38 -36.20 27.85 -25.97
N ILE B 39 -35.96 27.24 -24.81
CA ILE B 39 -36.83 27.35 -23.65
C ILE B 39 -36.12 28.16 -22.58
N SER B 40 -36.77 29.20 -22.09
CA SER B 40 -36.13 30.13 -21.16
C SER B 40 -36.56 29.86 -19.72
N CYS B 41 -35.81 30.47 -18.80
CA CYS B 41 -36.07 30.35 -17.36
C CYS B 41 -35.48 31.58 -16.69
N LYS B 42 -36.33 32.50 -16.27
CA LYS B 42 -35.88 33.77 -15.71
C LYS B 42 -36.01 33.77 -14.20
N ALA B 43 -34.96 34.19 -13.52
CA ALA B 43 -34.88 34.14 -12.07
C ALA B 43 -35.02 35.54 -11.47
N SER B 44 -35.59 35.60 -10.28
CA SER B 44 -35.69 36.83 -9.53
C SER B 44 -35.83 36.49 -8.06
N GLY B 45 -35.09 37.21 -7.23
CA GLY B 45 -35.13 37.00 -5.81
C GLY B 45 -33.85 36.44 -5.21
N TYR B 46 -32.84 36.18 -6.02
CA TYR B 46 -31.56 35.72 -5.52
C TYR B 46 -30.46 36.18 -6.45
N THR B 47 -29.24 36.15 -5.96
CA THR B 47 -28.07 36.41 -6.79
C THR B 47 -27.93 35.27 -7.78
N PHE B 48 -28.08 35.59 -9.07
CA PHE B 48 -28.20 34.56 -10.09
C PHE B 48 -26.87 33.82 -10.33
N ALA B 49 -25.75 34.49 -10.11
CA ALA B 49 -24.46 34.00 -10.56
C ALA B 49 -23.78 33.09 -9.54
N ASP B 50 -24.48 32.63 -8.50
CA ASP B 50 -23.87 31.64 -7.62
C ASP B 50 -24.85 30.53 -7.24
N TYR B 51 -25.62 30.06 -8.21
CA TYR B 51 -26.40 28.83 -8.13
C TYR B 51 -26.45 28.21 -9.51
N THR B 52 -26.32 26.90 -9.58
CA THR B 52 -26.44 26.19 -10.84
C THR B 52 -27.91 26.03 -11.22
N MET B 53 -28.16 25.86 -12.52
CA MET B 53 -29.52 25.76 -13.05
C MET B 53 -29.67 24.43 -13.76
N HIS B 54 -30.59 23.59 -13.30
CA HIS B 54 -30.75 22.26 -13.87
C HIS B 54 -32.07 22.15 -14.59
N TRP B 55 -32.14 21.20 -15.53
CA TRP B 55 -33.29 21.00 -16.39
C TRP B 55 -33.74 19.56 -16.29
N VAL B 56 -35.04 19.34 -16.12
CA VAL B 56 -35.58 17.97 -16.10
C VAL B 56 -36.69 17.86 -17.12
N LYS B 57 -36.99 16.61 -17.47
CA LYS B 57 -37.96 16.26 -18.49
C LYS B 57 -39.01 15.34 -17.88
N GLN B 58 -40.28 15.60 -18.18
CA GLN B 58 -41.38 14.76 -17.70
C GLN B 58 -42.39 14.56 -18.81
N SER B 59 -42.34 13.40 -19.46
CA SER B 59 -43.36 13.06 -20.44
C SER B 59 -44.68 12.76 -19.74
N HIS B 60 -45.76 12.75 -20.51
CA HIS B 60 -47.11 12.72 -19.96
C HIS B 60 -47.41 11.35 -19.38
N GLY B 61 -47.73 11.31 -18.09
CA GLY B 61 -48.00 10.07 -17.40
C GLY B 61 -46.79 9.30 -16.96
N LYS B 62 -45.60 9.87 -17.08
CA LYS B 62 -44.38 9.14 -16.73
C LYS B 62 -43.54 9.93 -15.73
N SER B 63 -42.32 9.45 -15.50
CA SER B 63 -41.49 9.96 -14.42
C SER B 63 -40.59 11.09 -14.91
N LEU B 64 -39.61 11.45 -14.08
CA LEU B 64 -38.73 12.59 -14.30
C LEU B 64 -37.38 12.12 -14.81
N GLU B 65 -36.87 12.80 -15.83
CA GLU B 65 -35.56 12.50 -16.40
C GLU B 65 -34.70 13.74 -16.35
N TRP B 66 -33.44 13.58 -15.97
CA TRP B 66 -32.53 14.69 -15.75
C TRP B 66 -31.79 15.02 -17.04
N ILE B 67 -31.79 16.29 -17.45
CA ILE B 67 -31.09 16.68 -18.67
C ILE B 67 -29.63 17.00 -18.38
N GLY B 68 -29.40 18.00 -17.54
CA GLY B 68 -28.07 18.46 -17.25
C GLY B 68 -28.13 19.82 -16.60
N TYR B 69 -26.95 20.43 -16.44
CA TYR B 69 -26.92 21.75 -15.84
C TYR B 69 -25.88 22.65 -16.49
N ILE B 70 -25.91 23.91 -16.05
CA ILE B 70 -24.95 24.93 -16.41
C ILE B 70 -24.68 25.77 -15.18
N ASN B 71 -23.40 26.04 -14.93
CA ASN B 71 -22.99 26.91 -13.85
C ASN B 71 -22.83 28.31 -14.40
N PRO B 72 -23.67 29.27 -14.04
CA PRO B 72 -23.54 30.60 -14.64
C PRO B 72 -22.51 31.49 -13.99
N TYR B 73 -21.36 30.94 -13.64
CA TYR B 73 -20.19 31.74 -13.33
C TYR B 73 -18.96 31.20 -14.03
N SER B 74 -18.82 29.88 -14.12
CA SER B 74 -17.72 29.25 -14.80
C SER B 74 -18.11 28.73 -16.18
N LEU B 75 -19.39 28.82 -16.54
CA LEU B 75 -19.97 28.35 -17.80
C LEU B 75 -19.69 26.87 -18.04
N PHE B 76 -19.69 26.08 -16.97
CA PHE B 76 -19.47 24.65 -17.07
C PHE B 76 -20.79 23.93 -17.26
N ILE B 77 -20.88 23.11 -18.31
CA ILE B 77 -22.06 22.34 -18.62
C ILE B 77 -21.73 20.86 -18.45
N ASP B 78 -22.47 20.18 -17.57
CA ASP B 78 -22.45 18.73 -17.47
C ASP B 78 -23.84 18.22 -17.81
N SER B 79 -23.92 17.31 -18.76
CA SER B 79 -25.21 16.87 -19.29
C SER B 79 -25.32 15.36 -19.23
N ASN B 80 -26.50 14.87 -19.58
CA ASN B 80 -26.76 13.45 -19.63
C ASN B 80 -26.38 12.91 -21.00
N GLN B 81 -25.97 11.64 -21.04
CA GLN B 81 -25.52 11.05 -22.30
C GLN B 81 -26.68 10.71 -23.21
N LYS B 82 -27.91 10.66 -22.68
CA LYS B 82 -29.08 10.52 -23.52
C LYS B 82 -29.45 11.82 -24.22
N PHE B 83 -28.90 12.95 -23.77
CA PHE B 83 -29.26 14.26 -24.28
C PHE B 83 -28.03 15.06 -24.74
N LYS B 84 -26.96 14.35 -25.09
CA LYS B 84 -25.74 15.03 -25.50
C LYS B 84 -25.87 15.64 -26.89
N ASN B 85 -26.70 15.05 -27.74
CA ASN B 85 -26.94 15.54 -29.08
C ASN B 85 -28.31 16.16 -29.25
N LYS B 86 -29.08 16.27 -28.17
CA LYS B 86 -30.43 16.81 -28.24
C LYS B 86 -30.63 18.11 -27.48
N ALA B 87 -29.67 18.52 -26.65
CA ALA B 87 -29.83 19.71 -25.83
C ALA B 87 -28.50 20.43 -25.64
N THR B 88 -28.55 21.76 -25.73
CA THR B 88 -27.43 22.62 -25.39
C THR B 88 -27.91 23.72 -24.45
N LEU B 89 -27.06 24.08 -23.49
CA LEU B 89 -27.44 24.97 -22.40
C LEU B 89 -26.59 26.23 -22.44
N THR B 90 -27.25 27.39 -22.41
CA THR B 90 -26.59 28.69 -22.46
C THR B 90 -27.26 29.62 -21.46
N VAL B 91 -26.47 30.58 -20.97
CA VAL B 91 -26.90 31.56 -19.98
C VAL B 91 -26.37 32.92 -20.40
N ASP B 92 -27.23 33.94 -20.38
CA ASP B 92 -26.77 35.33 -20.43
C ASP B 92 -26.69 35.91 -19.02
N ASN B 93 -25.68 36.75 -18.79
CA ASN B 93 -25.49 37.33 -17.46
C ASN B 93 -26.35 38.56 -17.24
N SER B 94 -26.84 39.18 -18.30
CA SER B 94 -27.58 40.44 -18.17
C SER B 94 -29.05 40.21 -17.81
N SER B 95 -29.76 39.41 -18.59
CA SER B 95 -31.19 39.26 -18.38
C SER B 95 -31.54 38.21 -17.34
N TYR B 96 -30.54 37.59 -16.70
CA TYR B 96 -30.70 36.59 -15.64
C TYR B 96 -31.53 35.40 -16.10
N THR B 97 -31.24 34.90 -17.30
CA THR B 97 -32.01 33.81 -17.87
C THR B 97 -31.09 32.65 -18.22
N ALA B 98 -31.67 31.45 -18.19
CA ALA B 98 -31.03 30.24 -18.67
C ALA B 98 -31.85 29.66 -19.81
N TYR B 99 -31.17 29.06 -20.77
CA TYR B 99 -31.82 28.57 -21.98
C TYR B 99 -31.50 27.09 -22.20
N MET B 100 -32.42 26.40 -22.83
CA MET B 100 -32.21 25.03 -23.28
C MET B 100 -32.64 24.94 -24.74
N GLU B 101 -31.70 24.60 -25.62
CA GLU B 101 -31.96 24.50 -27.05
C GLU B 101 -32.17 23.03 -27.41
N LEU B 102 -33.43 22.65 -27.59
CA LEU B 102 -33.78 21.31 -28.02
C LEU B 102 -33.80 21.27 -29.55
N ARG B 103 -33.05 20.36 -30.14
CA ARG B 103 -32.93 20.29 -31.59
C ARG B 103 -33.18 18.87 -32.09
N SER B 104 -33.41 18.78 -33.40
CA SER B 104 -33.65 17.54 -34.14
C SER B 104 -34.82 16.76 -33.54
N LEU B 105 -35.97 17.44 -33.52
CA LEU B 105 -37.08 17.03 -32.69
C LEU B 105 -37.76 15.78 -33.20
N THR B 106 -38.32 15.01 -32.27
CA THR B 106 -39.05 13.80 -32.55
C THR B 106 -40.30 13.86 -31.68
N SER B 107 -41.30 13.03 -31.99
CA SER B 107 -42.53 13.00 -31.21
C SER B 107 -42.32 12.43 -29.81
N GLU B 108 -41.18 11.79 -29.55
CA GLU B 108 -40.80 11.37 -28.21
C GLU B 108 -40.11 12.48 -27.42
N ASP B 109 -40.21 13.73 -27.87
CA ASP B 109 -39.64 14.87 -27.17
C ASP B 109 -40.74 15.82 -26.68
N SER B 110 -41.97 15.35 -26.59
CA SER B 110 -43.08 16.14 -26.09
C SER B 110 -43.23 15.88 -24.60
N ALA B 111 -43.01 16.93 -23.79
CA ALA B 111 -43.00 16.79 -22.34
C ALA B 111 -43.27 18.14 -21.72
N VAL B 112 -43.33 18.18 -20.39
CA VAL B 112 -43.13 19.42 -19.65
C VAL B 112 -41.67 19.49 -19.22
N TYR B 113 -41.03 20.61 -19.50
CA TYR B 113 -39.61 20.79 -19.24
C TYR B 113 -39.43 21.81 -18.12
N TYR B 114 -38.92 21.35 -16.98
CA TYR B 114 -38.81 22.18 -15.79
C TYR B 114 -37.39 22.73 -15.64
N CYS B 115 -37.29 23.75 -14.80
CA CYS B 115 -36.06 24.48 -14.52
C CYS B 115 -35.89 24.52 -13.02
N ALA B 116 -34.75 24.06 -12.51
CA ALA B 116 -34.59 23.89 -11.09
C ALA B 116 -33.29 24.53 -10.61
N ARG B 117 -33.30 24.99 -9.36
CA ARG B 117 -32.13 25.63 -8.77
C ARG B 117 -31.41 24.65 -7.87
N PHE B 118 -30.08 24.69 -7.90
CA PHE B 118 -29.24 23.72 -7.21
C PHE B 118 -27.98 24.45 -6.77
N PRO B 119 -27.40 24.09 -5.63
CA PRO B 119 -26.21 24.80 -5.13
C PRO B 119 -24.98 24.55 -5.99
N PRO B 120 -23.95 25.40 -5.89
CA PRO B 120 -22.72 25.17 -6.66
C PRO B 120 -21.73 24.24 -5.97
N TYR B 121 -22.20 23.52 -4.96
CA TYR B 121 -21.38 22.58 -4.23
C TYR B 121 -22.17 21.30 -4.00
N TYR B 122 -21.54 20.31 -3.40
CA TYR B 122 -22.23 19.09 -2.98
C TYR B 122 -22.06 18.94 -1.48
N GLY B 123 -23.11 19.29 -0.74
CA GLY B 123 -23.21 19.03 0.67
C GLY B 123 -24.36 18.11 0.99
N PHE B 124 -24.75 18.10 2.25
CA PHE B 124 -25.86 17.25 2.64
C PHE B 124 -27.19 17.88 2.24
N ASP B 125 -27.24 19.20 2.14
CA ASP B 125 -28.47 19.93 1.83
C ASP B 125 -28.51 20.42 0.39
N SER B 126 -27.77 19.79 -0.51
CA SER B 126 -27.81 20.14 -1.92
C SER B 126 -28.98 19.41 -2.56
N HIS B 127 -30.02 20.15 -2.92
CA HIS B 127 -31.19 19.58 -3.59
C HIS B 127 -31.86 20.65 -4.42
N PHE B 128 -32.84 20.23 -5.22
CA PHE B 128 -33.53 21.14 -6.13
C PHE B 128 -34.54 21.93 -5.32
N ASP B 129 -34.07 23.02 -4.71
CA ASP B 129 -34.85 23.72 -3.70
C ASP B 129 -35.93 24.60 -4.30
N TYR B 130 -35.74 25.10 -5.52
CA TYR B 130 -36.74 25.90 -6.19
C TYR B 130 -36.87 25.46 -7.64
N TRP B 131 -38.09 25.21 -8.07
CA TRP B 131 -38.40 24.72 -9.40
C TRP B 131 -39.06 25.82 -10.23
N GLY B 132 -39.20 25.55 -11.51
CA GLY B 132 -39.94 26.42 -12.40
C GLY B 132 -41.43 26.17 -12.33
N GLN B 133 -42.13 26.44 -13.42
CA GLN B 133 -43.53 26.09 -13.54
C GLN B 133 -43.83 25.17 -14.71
N GLY B 134 -42.87 24.94 -15.59
CA GLY B 134 -43.05 23.99 -16.68
C GLY B 134 -43.35 24.64 -18.01
N THR B 135 -42.77 24.09 -19.08
CA THR B 135 -43.11 24.46 -20.44
C THR B 135 -43.63 23.24 -21.16
N ALA B 136 -44.90 23.27 -21.55
CA ALA B 136 -45.46 22.21 -22.36
C ALA B 136 -44.94 22.32 -23.78
N LEU B 137 -44.20 21.33 -24.23
CA LEU B 137 -43.63 21.30 -25.57
C LEU B 137 -44.34 20.22 -26.36
N THR B 138 -44.76 20.56 -27.58
CA THR B 138 -45.53 19.65 -28.42
C THR B 138 -44.92 19.55 -29.80
N VAL B 139 -44.58 18.34 -30.22
CA VAL B 139 -44.02 18.07 -31.53
C VAL B 139 -45.10 17.32 -32.31
N SER B 140 -45.81 18.05 -33.17
CA SER B 140 -46.89 17.48 -33.97
C SER B 140 -47.10 18.40 -35.18
N SER B 141 -48.21 18.19 -35.88
CA SER B 141 -48.55 18.98 -37.05
C SER B 141 -50.04 19.26 -37.13
N GLN C 20 -25.97 3.88 -14.73
CA GLN C 20 -26.99 4.72 -14.06
C GLN C 20 -27.42 4.03 -12.76
N ILE C 21 -27.87 4.81 -11.76
CA ILE C 21 -28.37 4.21 -10.49
C ILE C 21 -29.89 4.13 -10.59
N VAL C 22 -30.42 2.92 -10.56
CA VAL C 22 -31.89 2.69 -10.63
C VAL C 22 -32.42 2.85 -9.22
N LEU C 23 -33.53 3.56 -9.09
CA LEU C 23 -34.09 3.83 -7.76
C LEU C 23 -35.51 3.26 -7.80
N SER C 24 -35.64 1.96 -7.53
CA SER C 24 -36.96 1.29 -7.64
C SER C 24 -37.87 1.60 -6.46
N GLN C 25 -39.00 2.23 -6.72
CA GLN C 25 -39.95 2.58 -5.65
C GLN C 25 -40.99 1.46 -5.53
N SER C 26 -40.92 0.66 -4.45
CA SER C 26 -41.79 -0.53 -4.32
C SER C 26 -43.27 -0.16 -4.45
N PRO C 27 -43.98 0.48 -3.50
CA PRO C 27 -45.43 0.64 -3.68
C PRO C 27 -45.74 1.65 -4.81
N ALA C 28 -46.05 1.18 -6.01
CA ALA C 28 -46.40 2.08 -7.14
C ALA C 28 -47.59 2.93 -6.73
N ILE C 29 -48.79 2.36 -6.72
CA ILE C 29 -49.97 3.09 -6.17
C ILE C 29 -50.12 2.66 -4.72
N LEU C 30 -50.34 3.58 -3.79
CA LEU C 30 -50.62 3.18 -2.38
C LEU C 30 -51.90 3.83 -1.91
N SER C 31 -52.91 3.02 -1.60
CA SER C 31 -54.22 3.53 -1.10
C SER C 31 -54.23 3.42 0.42
N ALA C 32 -54.10 4.54 1.10
CA ALA C 32 -54.16 4.57 2.57
C ALA C 32 -55.48 5.18 3.03
N SER C 33 -55.83 4.96 4.30
CA SER C 33 -57.08 5.55 4.88
C SER C 33 -56.67 6.67 5.85
N PRO C 34 -57.34 7.82 5.85
CA PRO C 34 -56.88 8.99 6.61
C PRO C 34 -56.75 8.66 8.10
N GLY C 35 -55.50 8.57 8.54
CA GLY C 35 -55.16 8.10 9.88
C GLY C 35 -54.21 6.93 9.88
N GLU C 36 -54.11 6.18 8.78
CA GLU C 36 -53.23 5.03 8.72
C GLU C 36 -51.78 5.45 8.50
N LYS C 37 -50.88 4.88 9.29
CA LYS C 37 -49.45 5.08 9.10
C LYS C 37 -49.01 4.30 7.87
N VAL C 38 -48.63 5.02 6.81
CA VAL C 38 -48.30 4.41 5.54
C VAL C 38 -46.82 4.66 5.23
N THR C 39 -46.11 3.60 4.86
CA THR C 39 -44.70 3.67 4.50
C THR C 39 -44.54 3.49 3.00
N MET C 40 -43.43 4.00 2.48
CA MET C 40 -43.02 3.77 1.11
C MET C 40 -41.50 3.70 1.07
N THR C 41 -40.97 2.80 0.24
CA THR C 41 -39.53 2.57 0.21
C THR C 41 -38.97 2.79 -1.19
N CYS C 42 -37.75 3.35 -1.22
CA CYS C 42 -36.97 3.54 -2.43
C CYS C 42 -35.72 2.68 -2.33
N ARG C 43 -35.53 1.80 -3.30
CA ARG C 43 -34.45 0.82 -3.30
C ARG C 43 -33.40 1.24 -4.33
N ALA C 44 -32.18 1.46 -3.88
CA ALA C 44 -31.10 1.89 -4.75
C ALA C 44 -30.29 0.70 -5.24
N SER C 45 -29.74 0.84 -6.45
CA SER C 45 -28.93 -0.22 -7.04
C SER C 45 -27.61 -0.36 -6.32
N SER C 46 -26.80 0.69 -6.33
CA SER C 46 -25.59 0.77 -5.53
C SER C 46 -25.85 1.69 -4.34
N SER C 47 -24.88 1.74 -3.43
CA SER C 47 -25.01 2.60 -2.27
C SER C 47 -24.82 4.05 -2.65
N VAL C 48 -25.74 4.91 -2.18
CA VAL C 48 -25.66 6.33 -2.38
C VAL C 48 -25.46 7.01 -1.04
N SER C 49 -25.06 8.28 -1.09
CA SER C 49 -24.73 9.03 0.12
C SER C 49 -25.99 9.41 0.89
N TYR C 50 -26.89 10.13 0.23
CA TYR C 50 -28.15 10.56 0.81
C TYR C 50 -29.26 10.29 -0.18
N ILE C 51 -30.50 10.50 0.25
CA ILE C 51 -31.64 10.43 -0.66
C ILE C 51 -32.48 11.69 -0.46
N TYR C 52 -33.18 12.07 -1.52
CA TYR C 52 -33.89 13.35 -1.59
C TYR C 52 -35.27 13.07 -2.14
N TRP C 53 -36.30 13.49 -1.42
CA TRP C 53 -37.67 13.19 -1.77
C TRP C 53 -38.36 14.43 -2.31
N TYR C 54 -39.20 14.23 -3.31
CA TYR C 54 -39.89 15.32 -3.99
C TYR C 54 -41.36 14.94 -4.15
N GLN C 55 -42.23 15.94 -3.99
CA GLN C 55 -43.66 15.74 -4.14
C GLN C 55 -44.14 16.49 -5.36
N GLN C 56 -44.97 15.83 -6.16
CA GLN C 56 -45.60 16.46 -7.31
C GLN C 56 -47.09 16.15 -7.28
N LYS C 57 -47.90 17.15 -7.56
CA LYS C 57 -49.32 16.96 -7.72
C LYS C 57 -49.66 17.01 -9.21
N PRO C 58 -50.90 16.68 -9.60
CA PRO C 58 -51.29 16.91 -11.00
C PRO C 58 -51.27 18.37 -11.37
N GLU C 59 -50.64 18.65 -12.52
CA GLU C 59 -50.51 19.98 -13.13
C GLU C 59 -49.82 20.98 -12.19
N SER C 60 -48.68 20.56 -11.64
CA SER C 60 -47.87 21.43 -10.81
C SER C 60 -46.42 20.93 -10.85
N SER C 61 -45.51 21.84 -10.55
CA SER C 61 -44.10 21.54 -10.49
C SER C 61 -43.79 20.70 -9.26
N PRO C 62 -42.68 19.95 -9.27
CA PRO C 62 -42.28 19.22 -8.07
C PRO C 62 -41.86 20.17 -6.96
N LYS C 63 -41.96 19.66 -5.73
CA LYS C 63 -41.72 20.45 -4.55
C LYS C 63 -40.75 19.66 -3.68
N PRO C 64 -39.73 20.29 -3.10
CA PRO C 64 -38.81 19.57 -2.22
C PRO C 64 -39.53 19.16 -0.94
N TRP C 65 -39.37 17.90 -0.55
CA TRP C 65 -40.15 17.41 0.57
C TRP C 65 -39.29 16.88 1.70
N ILE C 66 -38.29 16.04 1.41
CA ILE C 66 -37.30 15.61 2.38
C ILE C 66 -35.93 15.68 1.72
N TYR C 67 -34.97 16.33 2.37
CA TYR C 67 -33.59 16.29 1.94
C TYR C 67 -32.73 15.59 2.98
N ALA C 68 -31.58 15.09 2.51
CA ALA C 68 -30.53 14.47 3.33
C ALA C 68 -31.04 13.27 4.15
N THR C 69 -32.02 12.56 3.58
CA THR C 69 -32.63 11.29 3.99
C THR C 69 -33.52 11.43 5.23
N SER C 70 -33.35 12.48 6.01
CA SER C 70 -34.17 12.63 7.21
C SER C 70 -34.52 14.07 7.55
N ASN C 71 -34.10 15.06 6.77
CA ASN C 71 -34.36 16.46 7.08
C ASN C 71 -35.51 16.96 6.21
N LEU C 72 -36.43 17.66 6.83
CA LEU C 72 -37.62 18.12 6.15
C LEU C 72 -37.42 19.52 5.59
N ALA C 73 -38.11 19.82 4.51
CA ALA C 73 -37.91 21.06 3.77
C ALA C 73 -38.67 22.21 4.43
N SER C 74 -38.80 23.32 3.72
CA SER C 74 -39.54 24.48 4.22
C SER C 74 -41.03 24.24 4.03
N GLY C 75 -41.79 24.27 5.12
CA GLY C 75 -43.23 24.18 5.04
C GLY C 75 -43.76 22.81 4.75
N VAL C 76 -43.29 21.80 5.50
CA VAL C 76 -43.78 20.43 5.36
C VAL C 76 -44.14 19.93 6.76
N PRO C 77 -45.30 19.28 6.93
CA PRO C 77 -45.71 18.84 8.26
C PRO C 77 -44.81 17.76 8.84
N GLY C 78 -44.71 17.78 10.17
CA GLY C 78 -43.81 16.90 10.90
C GLY C 78 -44.20 15.44 10.90
N ARG C 79 -45.39 15.12 10.41
CA ARG C 79 -45.83 13.74 10.27
C ARG C 79 -45.11 13.01 9.14
N PHE C 80 -44.44 13.73 8.25
CA PHE C 80 -43.53 13.13 7.31
C PHE C 80 -42.17 12.94 7.96
N SER C 81 -41.68 11.70 7.94
CA SER C 81 -40.36 11.41 8.46
C SER C 81 -39.72 10.36 7.58
N GLY C 82 -38.44 10.54 7.29
CA GLY C 82 -37.72 9.61 6.46
C GLY C 82 -36.53 8.99 7.16
N SER C 83 -36.19 7.77 6.80
CA SER C 83 -35.05 7.08 7.36
C SER C 83 -34.47 6.16 6.31
N GLY C 84 -33.29 5.63 6.60
CA GLY C 84 -32.62 4.71 5.71
C GLY C 84 -31.16 5.07 5.50
N SER C 85 -30.45 4.13 4.88
CA SER C 85 -29.04 4.28 4.59
C SER C 85 -28.66 3.23 3.55
N GLY C 86 -27.53 3.47 2.89
CA GLY C 86 -27.00 2.52 1.92
C GLY C 86 -27.83 2.36 0.67
N THR C 87 -28.49 1.22 0.55
CA THR C 87 -29.34 0.93 -0.59
C THR C 87 -30.82 0.84 -0.25
N SER C 88 -31.18 0.98 1.02
CA SER C 88 -32.57 0.88 1.47
C SER C 88 -32.96 2.19 2.13
N TYR C 89 -33.96 2.86 1.58
CA TYR C 89 -34.46 4.12 2.10
C TYR C 89 -35.97 4.04 2.23
N SER C 90 -36.54 4.86 3.11
CA SER C 90 -37.95 4.74 3.42
C SER C 90 -38.53 6.09 3.81
N LEU C 91 -39.77 6.32 3.40
CA LEU C 91 -40.55 7.49 3.80
C LEU C 91 -41.86 7.01 4.39
N THR C 92 -42.10 7.39 5.65
CA THR C 92 -43.31 7.01 6.36
C THR C 92 -44.09 8.26 6.74
N ILE C 93 -45.41 8.14 6.73
CA ILE C 93 -46.32 9.21 7.10
C ILE C 93 -47.02 8.78 8.38
N SER C 94 -47.05 9.69 9.37
CA SER C 94 -47.59 9.29 10.66
C SER C 94 -49.12 9.20 10.63
N ARG C 95 -49.79 10.32 10.38
CA ARG C 95 -51.25 10.37 10.32
C ARG C 95 -51.61 11.00 8.97
N VAL C 96 -52.08 10.18 8.04
CA VAL C 96 -52.31 10.63 6.68
C VAL C 96 -53.55 11.49 6.62
N GLU C 97 -53.51 12.52 5.78
CA GLU C 97 -54.63 13.42 5.57
C GLU C 97 -54.91 13.53 4.08
N ALA C 98 -56.04 14.16 3.76
CA ALA C 98 -56.49 14.22 2.37
C ALA C 98 -55.65 15.16 1.52
N GLU C 99 -54.90 16.06 2.15
CA GLU C 99 -54.02 16.97 1.42
C GLU C 99 -52.69 16.32 1.06
N ASP C 100 -52.48 15.06 1.44
CA ASP C 100 -51.24 14.37 1.18
C ASP C 100 -51.34 13.37 0.04
N ALA C 101 -52.39 13.46 -0.76
CA ALA C 101 -52.57 12.57 -1.92
C ALA C 101 -51.83 13.18 -3.11
N ALA C 102 -50.68 12.63 -3.43
CA ALA C 102 -49.85 13.09 -4.54
C ALA C 102 -48.92 11.94 -4.95
N THR C 103 -47.96 12.24 -5.82
CA THR C 103 -46.91 11.29 -6.16
C THR C 103 -45.59 11.78 -5.57
N TYR C 104 -44.73 10.81 -5.23
CA TYR C 104 -43.54 11.06 -4.44
C TYR C 104 -42.35 10.43 -5.15
N TYR C 105 -41.30 11.22 -5.37
CA TYR C 105 -40.13 10.77 -6.11
C TYR C 105 -38.89 10.84 -5.23
N CYS C 106 -38.14 9.74 -5.19
CA CYS C 106 -36.82 9.72 -4.59
C CYS C 106 -35.78 10.03 -5.66
N GLN C 107 -34.69 10.65 -5.22
CA GLN C 107 -33.69 11.15 -6.14
C GLN C 107 -32.32 11.11 -5.49
N GLN C 108 -31.30 10.86 -6.30
CA GLN C 108 -29.92 10.84 -5.87
C GLN C 108 -29.08 11.69 -6.82
N TRP C 109 -27.93 12.14 -6.32
CA TRP C 109 -26.92 12.74 -7.18
C TRP C 109 -25.53 12.15 -6.95
N SER C 110 -25.44 10.97 -6.36
CA SER C 110 -24.15 10.35 -6.09
C SER C 110 -23.40 9.91 -7.34
N TYR C 111 -24.08 9.71 -8.46
CA TYR C 111 -23.45 9.34 -9.71
C TYR C 111 -24.01 10.17 -10.84
N ASN C 112 -23.26 10.26 -11.95
CA ASN C 112 -23.79 10.82 -13.18
C ASN C 112 -24.45 9.72 -14.00
N PRO C 113 -25.67 9.92 -14.51
CA PRO C 113 -26.51 11.11 -14.36
C PRO C 113 -27.29 11.09 -13.06
N TYR C 114 -27.93 12.21 -12.72
CA TYR C 114 -28.82 12.22 -11.57
C TYR C 114 -30.06 11.42 -11.95
N THR C 115 -30.52 10.59 -11.03
CA THR C 115 -31.62 9.70 -11.36
C THR C 115 -32.75 9.89 -10.36
N PHE C 116 -33.95 10.11 -10.90
CA PHE C 116 -35.19 10.08 -10.14
C PHE C 116 -35.73 8.67 -10.09
N GLY C 117 -36.57 8.40 -9.12
CA GLY C 117 -37.21 7.11 -8.98
C GLY C 117 -38.38 6.94 -9.91
N GLY C 118 -39.26 6.02 -9.55
CA GLY C 118 -40.41 5.72 -10.37
C GLY C 118 -41.63 6.57 -10.06
N GLY C 119 -41.96 6.68 -8.78
CA GLY C 119 -43.14 7.41 -8.36
C GLY C 119 -44.08 6.53 -7.57
N THR C 120 -44.61 7.08 -6.48
CA THR C 120 -45.61 6.41 -5.65
C THR C 120 -46.84 7.29 -5.57
N LYS C 121 -47.86 6.96 -6.35
CA LYS C 121 -49.11 7.72 -6.30
C LYS C 121 -49.90 7.32 -5.06
N LEU C 122 -50.00 8.22 -4.11
CA LEU C 122 -50.79 8.00 -2.91
C LEU C 122 -52.23 8.42 -3.17
N GLU C 123 -53.15 7.48 -2.95
CA GLU C 123 -54.57 7.71 -3.14
C GLU C 123 -55.26 7.54 -1.80
N ILE C 124 -55.83 8.62 -1.28
CA ILE C 124 -56.49 8.61 0.03
C ILE C 124 -57.85 7.93 -0.15
N ARG C 125 -57.98 6.72 0.39
CA ARG C 125 -59.23 5.97 0.29
C ARG C 125 -60.26 6.52 1.27
N ARG C 126 -61.14 7.40 0.81
CA ARG C 126 -62.17 7.98 1.66
C ARG C 126 -63.51 7.28 1.46
#